data_8D4Q
#
_entry.id   8D4Q
#
_cell.length_a   134.646
_cell.length_b   88.477
_cell.length_c   89.436
_cell.angle_alpha   90.000
_cell.angle_beta   123.130
_cell.angle_gamma   90.000
#
_symmetry.space_group_name_H-M   'C 1 2 1'
#
loop_
_entity.id
_entity.type
_entity.pdbx_description
1 polymer 'Neutrophil elastase'
2 polymer 'Extracellular Adherence Protein'
3 branched 2-acetamido-2-deoxy-beta-D-glucopyranose-(1-4)-[alpha-L-fucopyranose-(1-6)]2-acetamido-2-deoxy-beta-D-glucopyranose
4 water water
#
loop_
_entity_poly.entity_id
_entity_poly.type
_entity_poly.pdbx_seq_one_letter_code
_entity_poly.pdbx_strand_id
1 'polypeptide(L)'
;IVGGRRARPHAWPFMVSLQLRGGHFCGATLIAPNFVMSAAHCVANVNVRAVRVVLGAHNLSRREPTRQVFAVQRIFENGY
DPVNLLNDIVILQLNGSATINANVQVAQLPAQGRRLGNGVQCLAMGWGLLGRNRGIASVLQELNVTVVTSLCRRSNVCTL
VRGRQAGVCFGDSGSPLVCNGLIHGIASFVRGGCASGLYPDAFAPVAQFVNWIDSIIQ
;
A,B
2 'polypeptide(L)'
;GSTIQIPYTITVNGTSQNILSSLTFNKNQNISYKDIENKVKSVLYFNRGISDIDLRLSKQAEYTVHFKNGTKRVIDLKSG
IYTADLINTSDIKAISVNVD
;
C,D
#
loop_
_chem_comp.id
_chem_comp.type
_chem_comp.name
_chem_comp.formula
FUC L-saccharide, alpha linking alpha-L-fucopyranose 'C6 H12 O5'
NAG D-saccharide, beta linking 2-acetamido-2-deoxy-beta-D-glucopyranose 'C8 H15 N O6'
#
# COMPACT_ATOMS: atom_id res chain seq x y z
N ILE A 1 8.28 0.21 18.69
CA ILE A 1 9.35 -0.56 18.06
C ILE A 1 8.87 -1.99 17.88
N VAL A 2 8.72 -2.41 16.63
CA VAL A 2 8.29 -3.77 16.31
C VAL A 2 9.52 -4.66 16.12
N GLY A 3 9.60 -5.76 16.85
CA GLY A 3 10.66 -6.72 16.63
C GLY A 3 12.03 -6.34 17.14
N GLY A 4 12.11 -5.38 18.05
CA GLY A 4 13.34 -5.07 18.75
C GLY A 4 13.51 -5.92 19.98
N ARG A 5 14.25 -5.38 20.95
CA ARG A 5 14.46 -5.99 22.26
C ARG A 5 14.35 -4.89 23.30
N ARG A 6 14.34 -5.29 24.57
CA ARG A 6 14.37 -4.32 25.66
C ARG A 6 15.76 -3.74 25.83
N ALA A 7 15.83 -2.42 26.00
CA ALA A 7 17.11 -1.81 26.35
C ALA A 7 17.49 -2.18 27.78
N ARG A 8 18.80 -2.22 28.02
CA ARG A 8 19.25 -2.28 29.40
C ARG A 8 18.72 -1.09 30.19
N PRO A 9 18.46 -1.28 31.47
CA PRO A 9 18.05 -0.14 32.31
C PRO A 9 19.00 1.04 32.18
N HIS A 10 18.50 2.19 31.69
CA HIS A 10 19.23 3.44 31.68
C HIS A 10 20.46 3.41 30.78
N ALA A 11 20.46 2.54 29.77
CA ALA A 11 21.54 2.50 28.81
C ALA A 11 21.58 3.74 27.90
N TRP A 12 20.47 4.46 27.73
CA TRP A 12 20.43 5.66 26.90
C TRP A 12 19.87 6.80 27.73
N PRO A 13 20.69 7.37 28.63
CA PRO A 13 20.19 8.38 29.56
C PRO A 13 19.73 9.69 28.92
N PHE A 14 19.84 9.86 27.61
CA PHE A 14 19.27 10.99 26.89
C PHE A 14 17.86 10.72 26.36
N MET A 15 17.39 9.47 26.47
CA MET A 15 16.06 9.09 25.95
C MET A 15 14.95 9.73 26.78
N VAL A 16 14.01 10.38 26.09
CA VAL A 16 12.95 11.19 26.70
C VAL A 16 11.59 10.63 26.30
N SER A 17 10.64 10.70 27.24
CA SER A 17 9.24 10.36 26.98
C SER A 17 8.39 11.62 27.10
N LEU A 18 7.70 12.00 26.02
CA LEU A 18 6.73 13.07 26.07
C LEU A 18 5.36 12.45 26.38
N GLN A 19 4.68 12.99 27.38
CA GLN A 19 3.47 12.38 27.88
C GLN A 19 2.36 13.41 27.93
N LEU A 20 1.14 12.94 27.76
CA LEU A 20 -0.05 13.78 27.84
C LEU A 20 -1.05 13.08 28.73
N ARG A 21 -1.45 13.74 29.82
CA ARG A 21 -2.33 13.14 30.81
C ARG A 21 -1.83 11.76 31.26
N GLY A 22 -0.56 11.70 31.61
CA GLY A 22 0.08 10.47 32.06
C GLY A 22 0.38 9.45 30.98
N GLY A 23 0.09 9.75 29.71
CA GLY A 23 0.25 8.76 28.67
C GLY A 23 1.31 9.14 27.64
N HIS A 24 2.26 8.25 27.43
CA HIS A 24 3.28 8.49 26.42
C HIS A 24 2.65 8.68 25.05
N PHE A 25 3.15 9.64 24.29
CA PHE A 25 2.73 9.77 22.89
C PHE A 25 3.86 10.00 21.89
N CYS A 26 5.06 10.38 22.32
CA CYS A 26 6.17 10.66 21.41
C CYS A 26 7.46 10.60 22.21
N GLY A 27 8.55 10.31 21.51
CA GLY A 27 9.86 10.35 22.13
C GLY A 27 10.55 11.70 21.95
N ALA A 28 11.72 11.82 22.58
CA ALA A 28 12.55 12.99 22.40
C ALA A 28 13.96 12.67 22.89
N THR A 29 14.86 13.62 22.66
CA THR A 29 16.25 13.49 23.06
C THR A 29 16.67 14.71 23.86
N LEU A 30 17.38 14.48 24.96
CA LEU A 30 17.90 15.55 25.79
C LEU A 30 19.19 16.05 25.16
N ILE A 31 19.17 17.30 24.70
CA ILE A 31 20.33 17.88 24.02
C ILE A 31 20.98 18.99 24.83
N ALA A 32 20.35 19.45 25.91
CA ALA A 32 20.96 20.29 26.95
C ALA A 32 20.12 20.08 28.20
N PRO A 33 20.60 20.50 29.38
CA PRO A 33 19.81 20.21 30.58
C PRO A 33 18.44 20.87 30.57
N ASN A 34 18.24 21.96 29.84
CA ASN A 34 16.92 22.57 29.74
C ASN A 34 16.33 22.53 28.31
N PHE A 35 16.79 21.63 27.44
CA PHE A 35 16.28 21.54 26.06
C PHE A 35 16.14 20.10 25.62
N VAL A 36 15.01 19.76 24.99
CA VAL A 36 14.90 18.48 24.30
C VAL A 36 14.55 18.70 22.83
N MET A 37 14.85 17.68 22.04
CA MET A 37 14.68 17.67 20.59
C MET A 37 13.67 16.58 20.24
N SER A 38 12.67 16.94 19.44
CA SER A 38 11.65 15.96 19.00
C SER A 38 11.24 16.26 17.55
N ALA A 39 10.15 15.60 17.10
CA ALA A 39 9.60 15.81 15.75
C ALA A 39 8.56 16.91 15.80
N ALA A 40 8.59 17.80 14.81
CA ALA A 40 7.66 18.92 14.82
C ALA A 40 6.22 18.47 14.74
N HIS A 41 5.93 17.35 14.06
CA HIS A 41 4.55 16.90 13.96
C HIS A 41 4.04 16.36 15.30
N CYS A 42 4.91 16.00 16.24
CA CYS A 42 4.48 15.60 17.57
C CYS A 42 3.78 16.73 18.35
N VAL A 43 4.15 17.99 18.10
CA VAL A 43 3.59 19.09 18.86
C VAL A 43 2.75 20.03 18.01
N ALA A 44 2.65 19.80 16.71
CA ALA A 44 1.92 20.74 15.86
C ALA A 44 0.46 20.88 16.26
N ASN A 45 -0.13 19.85 16.87
CA ASN A 45 -1.55 19.85 17.18
C ASN A 45 -1.87 19.65 18.65
N VAL A 46 -0.87 19.52 19.52
CA VAL A 46 -1.16 19.35 20.94
C VAL A 46 -1.14 20.72 21.62
N ASN A 47 -1.90 20.83 22.71
CA ASN A 47 -1.71 21.92 23.65
C ASN A 47 -0.36 21.74 24.31
N VAL A 48 0.64 22.53 23.90
CA VAL A 48 1.98 22.31 24.43
C VAL A 48 2.07 22.65 25.92
N ARG A 49 1.17 23.48 26.47
CA ARG A 49 1.19 23.74 27.91
C ARG A 49 0.88 22.51 28.75
N ALA A 50 0.38 21.43 28.14
CA ALA A 50 -0.04 20.25 28.88
C ALA A 50 0.92 19.07 28.71
N VAL A 51 2.04 19.24 27.99
CA VAL A 51 2.99 18.15 27.76
C VAL A 51 3.92 18.00 28.97
N ARG A 52 4.07 16.77 29.45
CA ARG A 52 5.07 16.48 30.46
C ARG A 52 6.26 15.79 29.84
N VAL A 53 7.45 16.28 30.16
CA VAL A 53 8.71 15.79 29.59
C VAL A 53 9.36 14.93 30.66
N VAL A 54 9.38 13.61 30.46
CA VAL A 54 9.84 12.67 31.47
C VAL A 54 11.25 12.21 31.09
N LEU A 55 12.23 12.56 31.93
CA LEU A 55 13.62 12.13 31.78
C LEU A 55 13.93 11.00 32.76
N GLY A 56 14.99 10.26 32.46
CA GLY A 56 15.42 9.18 33.35
C GLY A 56 14.40 8.09 33.57
N ALA A 57 13.59 7.77 32.56
CA ALA A 57 12.58 6.73 32.68
C ALA A 57 13.06 5.44 32.02
N HIS A 58 12.47 4.33 32.44
CA HIS A 58 12.75 3.05 31.80
C HIS A 58 11.46 2.25 31.63
N ASN A 59 10.73 2.04 32.72
CA ASN A 59 9.43 1.38 32.69
C ASN A 59 8.34 2.41 32.96
N LEU A 60 7.65 2.83 31.90
CA LEU A 60 6.64 3.89 31.98
C LEU A 60 5.42 3.50 32.81
N SER A 61 5.24 2.22 33.11
CA SER A 61 4.08 1.81 33.90
C SER A 61 4.34 1.90 35.40
N ARG A 62 5.53 2.29 35.84
CA ARG A 62 5.90 2.34 37.25
C ARG A 62 6.11 3.79 37.70
N ARG A 63 6.52 3.94 38.97
CA ARG A 63 6.82 5.25 39.53
C ARG A 63 8.30 5.35 39.87
N GLU A 64 9.15 5.28 38.86
CA GLU A 64 10.60 5.19 39.08
C GLU A 64 11.14 6.46 39.73
N PRO A 65 11.84 6.36 40.87
CA PRO A 65 12.34 7.59 41.53
C PRO A 65 13.53 8.21 40.81
N THR A 66 14.11 7.52 39.81
CA THR A 66 15.14 8.07 38.95
C THR A 66 14.59 9.09 37.94
N ARG A 67 13.28 9.34 37.93
CA ARG A 67 12.68 10.23 36.94
C ARG A 67 12.84 11.69 37.33
N GLN A 68 13.00 12.52 36.31
CA GLN A 68 12.90 13.97 36.45
C GLN A 68 11.88 14.46 35.44
N VAL A 69 10.91 15.25 35.89
CA VAL A 69 9.75 15.56 35.08
C VAL A 69 9.64 17.06 34.91
N PHE A 70 9.55 17.52 33.67
CA PHE A 70 9.55 18.94 33.35
C PHE A 70 8.35 19.35 32.53
N ALA A 71 8.09 20.64 32.46
CA ALA A 71 7.09 21.17 31.55
C ALA A 71 7.77 21.89 30.39
N VAL A 72 7.01 22.08 29.32
CA VAL A 72 7.52 22.77 28.14
C VAL A 72 7.23 24.26 28.27
N GLN A 73 8.25 25.06 28.07
CA GLN A 73 8.15 26.50 28.20
C GLN A 73 8.07 27.21 26.85
N ARG A 74 8.74 26.69 25.82
CA ARG A 74 8.70 27.30 24.51
C ARG A 74 9.14 26.28 23.48
N ILE A 75 8.69 26.45 22.24
CA ILE A 75 9.11 25.57 21.16
C ILE A 75 9.81 26.40 20.10
N PHE A 76 10.76 25.76 19.41
CA PHE A 76 11.50 26.36 18.31
C PHE A 76 11.46 25.42 17.10
N GLU A 77 11.04 25.95 15.95
CA GLU A 77 11.05 25.21 14.69
C GLU A 77 11.87 25.96 13.64
N ASN A 78 12.09 25.33 12.48
CA ASN A 78 12.92 26.01 11.48
C ASN A 78 12.52 25.48 10.10
N GLY A 79 11.42 26.01 9.58
CA GLY A 79 10.94 25.65 8.25
C GLY A 79 10.10 24.41 8.18
N TYR A 80 9.38 24.05 9.25
CA TYR A 80 8.63 22.79 9.23
C TYR A 80 7.59 22.80 8.09
N ASP A 81 7.58 21.73 7.27
CA ASP A 81 6.67 21.61 6.12
C ASP A 81 5.77 20.40 6.36
N PRO A 82 4.59 20.60 6.96
CA PRO A 82 3.72 19.44 7.23
C PRO A 82 3.22 18.75 5.98
N VAL A 83 2.99 19.50 4.91
CA VAL A 83 2.46 18.88 3.70
C VAL A 83 3.44 17.85 3.15
N ASN A 84 4.72 18.20 3.12
CA ASN A 84 5.74 17.31 2.56
C ASN A 84 6.58 16.63 3.62
N LEU A 85 6.29 16.88 4.90
CA LEU A 85 7.04 16.28 6.01
C LEU A 85 8.53 16.55 5.88
N LEU A 86 8.87 17.80 5.51
CA LEU A 86 10.23 18.29 5.47
C LEU A 86 10.53 19.11 6.74
N ASN A 87 11.79 19.08 7.17
CA ASN A 87 12.26 19.82 8.35
C ASN A 87 11.43 19.47 9.59
N ASP A 88 11.24 18.16 9.79
CA ASP A 88 10.36 17.66 10.84
C ASP A 88 11.10 17.59 12.19
N ILE A 89 11.54 18.74 12.67
CA ILE A 89 12.29 18.82 13.93
C ILE A 89 11.76 19.99 14.77
N VAL A 90 11.66 19.76 16.08
CA VAL A 90 11.31 20.83 17.03
C VAL A 90 12.24 20.74 18.24
N ILE A 91 12.62 21.89 18.78
CA ILE A 91 13.33 21.95 20.06
C ILE A 91 12.38 22.50 21.12
N LEU A 92 12.24 21.76 22.21
CA LEU A 92 11.40 22.15 23.34
C LEU A 92 12.29 22.68 24.47
N GLN A 93 12.09 23.92 24.86
CA GLN A 93 12.78 24.43 26.05
C GLN A 93 12.00 24.06 27.29
N LEU A 94 12.68 23.49 28.28
CA LEU A 94 12.04 23.05 29.53
C LEU A 94 11.91 24.23 30.52
N ASN A 95 10.97 24.07 31.47
CA ASN A 95 10.78 25.03 32.56
C ASN A 95 11.84 24.91 33.64
N GLY A 96 12.93 24.19 33.39
CA GLY A 96 13.98 24.07 34.37
C GLY A 96 15.14 23.35 33.72
N SER A 97 16.20 23.21 34.48
CA SER A 97 17.39 22.48 34.07
C SER A 97 17.41 21.14 34.79
N ALA A 98 17.63 20.06 34.03
CA ALA A 98 17.76 18.75 34.63
C ALA A 98 19.06 18.63 35.41
N THR A 99 19.04 17.84 36.48
CA THR A 99 20.28 17.48 37.14
C THR A 99 20.92 16.29 36.41
N ILE A 100 22.19 16.46 36.03
CA ILE A 100 22.89 15.43 35.30
C ILE A 100 23.43 14.39 36.27
N ASN A 101 23.13 13.13 36.01
CA ASN A 101 23.63 12.01 36.80
C ASN A 101 23.73 10.81 35.86
N ALA A 102 23.92 9.62 36.43
CA ALA A 102 24.12 8.44 35.58
C ALA A 102 22.87 8.10 34.78
N ASN A 103 21.69 8.48 35.26
CA ASN A 103 20.43 8.15 34.60
C ASN A 103 19.94 9.23 33.64
N VAL A 104 20.45 10.45 33.74
CA VAL A 104 19.98 11.55 32.92
C VAL A 104 21.23 12.25 32.39
N GLN A 105 21.40 12.22 31.07
CA GLN A 105 22.58 12.81 30.46
C GLN A 105 22.21 13.41 29.12
N VAL A 106 23.08 14.32 28.65
CA VAL A 106 22.90 15.06 27.40
C VAL A 106 23.53 14.28 26.25
N ALA A 107 22.82 14.19 25.13
CA ALA A 107 23.26 13.50 23.93
C ALA A 107 24.33 14.29 23.18
N GLN A 108 25.14 13.59 22.40
CA GLN A 108 26.09 14.20 21.49
C GLN A 108 25.55 14.18 20.07
N LEU A 109 25.76 15.28 19.34
CA LEU A 109 25.31 15.51 17.98
C LEU A 109 26.49 15.48 17.03
N PRO A 110 26.26 15.14 15.76
CA PRO A 110 27.36 15.14 14.79
C PRO A 110 27.74 16.57 14.38
N ALA A 111 28.81 16.67 13.61
CA ALA A 111 29.15 17.93 12.96
C ALA A 111 28.06 18.32 11.96
N GLN A 112 27.98 19.61 11.68
CA GLN A 112 27.03 20.12 10.70
C GLN A 112 27.32 19.52 9.33
N GLY A 113 26.30 18.97 8.69
CA GLY A 113 26.40 18.53 7.31
C GLY A 113 26.90 17.12 7.08
N ARG A 114 27.22 16.37 8.14
CA ARG A 114 27.68 15.01 7.98
C ARG A 114 26.56 14.14 7.42
N ARG A 115 26.80 13.52 6.27
CA ARG A 115 25.82 12.59 5.70
C ARG A 115 26.26 11.15 5.98
N LEU A 116 25.28 10.29 6.21
CA LEU A 116 25.53 8.88 6.47
C LEU A 116 25.39 8.09 5.18
N GLY A 117 26.42 7.32 4.84
CA GLY A 117 26.39 6.54 3.64
C GLY A 117 25.53 5.29 3.78
N ASN A 118 25.15 4.76 2.62
CA ASN A 118 24.40 3.50 2.58
C ASN A 118 25.18 2.40 3.30
N GLY A 119 24.45 1.62 4.12
CA GLY A 119 25.04 0.52 4.86
C GLY A 119 25.47 0.83 6.29
N VAL A 120 25.50 2.10 6.71
CA VAL A 120 25.94 2.43 8.06
C VAL A 120 25.01 1.81 9.10
N GLN A 121 25.60 1.26 10.17
CA GLN A 121 24.85 0.60 11.23
C GLN A 121 24.47 1.59 12.33
N CYS A 122 23.21 1.56 12.73
CA CYS A 122 22.63 2.50 13.68
C CYS A 122 21.77 1.76 14.69
N LEU A 123 21.27 2.48 15.69
CA LEU A 123 20.40 1.91 16.71
C LEU A 123 19.20 2.84 16.90
N ALA A 124 18.00 2.34 16.59
CA ALA A 124 16.77 3.06 16.86
C ALA A 124 16.17 2.55 18.17
N MET A 125 15.34 3.38 18.80
CA MET A 125 14.80 3.05 20.10
C MET A 125 13.51 3.82 20.31
N GLY A 126 12.75 3.42 21.31
CA GLY A 126 11.52 4.12 21.62
C GLY A 126 10.58 3.28 22.47
N TRP A 127 9.48 3.93 22.86
CA TRP A 127 8.40 3.30 23.63
C TRP A 127 7.14 3.06 22.80
N GLY A 128 7.28 2.98 21.48
CA GLY A 128 6.13 2.85 20.62
C GLY A 128 5.53 1.46 20.66
N LEU A 129 4.53 1.28 19.80
CA LEU A 129 3.83 -0.01 19.68
C LEU A 129 4.80 -1.17 19.48
N LEU A 130 4.56 -2.26 20.20
CA LEU A 130 5.35 -3.48 20.08
C LEU A 130 5.02 -4.27 18.83
N GLY A 131 4.15 -3.75 17.98
CA GLY A 131 3.56 -4.47 16.88
C GLY A 131 2.09 -4.10 16.87
N ARG A 132 1.50 -3.85 15.71
CA ARG A 132 0.08 -3.55 15.67
C ARG A 132 -0.69 -4.74 16.25
N ASN A 133 -1.71 -4.43 17.06
CA ASN A 133 -2.53 -5.34 17.88
C ASN A 133 -1.98 -5.50 19.29
N ARG A 134 -0.71 -5.14 19.53
CA ARG A 134 -0.03 -5.53 20.78
C ARG A 134 0.09 -4.41 21.81
N GLY A 135 -0.15 -3.16 21.44
CA GLY A 135 -0.19 -2.08 22.40
C GLY A 135 1.17 -1.42 22.64
N ILE A 136 1.12 -0.31 23.39
CA ILE A 136 2.31 0.50 23.62
C ILE A 136 3.29 -0.27 24.51
N ALA A 137 4.59 -0.06 24.25
CA ALA A 137 5.60 -0.66 25.09
C ALA A 137 5.66 0.04 26.44
N SER A 138 5.86 -0.74 27.48
CA SER A 138 6.11 -0.20 28.81
C SER A 138 7.60 0.04 29.05
N VAL A 139 8.43 -0.92 28.66
CA VAL A 139 9.87 -0.86 28.86
C VAL A 139 10.52 -0.42 27.56
N LEU A 140 11.42 0.57 27.65
CA LEU A 140 12.12 1.09 26.47
C LEU A 140 12.65 -0.04 25.60
N GLN A 141 12.46 0.07 24.28
CA GLN A 141 12.91 -0.91 23.29
C GLN A 141 13.98 -0.31 22.40
N GLU A 142 14.90 -1.16 21.92
CA GLU A 142 15.89 -0.74 20.95
C GLU A 142 15.94 -1.74 19.82
N LEU A 143 16.42 -1.28 18.67
CA LEU A 143 16.38 -2.05 17.42
C LEU A 143 17.57 -1.70 16.55
N ASN A 144 18.30 -2.70 16.09
CA ASN A 144 19.40 -2.47 15.15
C ASN A 144 18.86 -2.23 13.76
N VAL A 145 19.33 -1.17 13.11
CA VAL A 145 18.88 -0.81 11.78
C VAL A 145 20.10 -0.48 10.91
N THR A 146 19.88 -0.46 9.61
CA THR A 146 20.90 -0.08 8.64
C THR A 146 20.42 1.12 7.83
N VAL A 147 21.31 2.09 7.58
CA VAL A 147 20.97 3.21 6.71
C VAL A 147 20.91 2.74 5.26
N VAL A 148 19.84 3.12 4.57
CA VAL A 148 19.69 2.83 3.14
C VAL A 148 19.41 4.12 2.40
N THR A 149 19.72 4.12 1.12
CA THR A 149 19.46 5.26 0.26
C THR A 149 18.42 5.00 -0.82
N SER A 150 18.03 3.75 -1.03
CA SER A 150 16.98 3.44 -2.00
C SER A 150 15.60 3.60 -1.37
N LEU A 151 14.63 4.03 -2.18
CA LEU A 151 13.28 4.36 -1.72
C LEU A 151 13.31 5.43 -0.63
N CYS A 152 14.29 6.33 -0.69
CA CYS A 152 14.43 7.40 0.28
C CYS A 152 14.49 8.73 -0.46
N ARG A 153 14.82 9.81 0.25
CA ARG A 153 15.08 11.09 -0.38
C ARG A 153 16.18 11.79 0.41
N ARG A 154 16.83 12.76 -0.23
CA ARG A 154 18.03 13.36 0.35
C ARG A 154 17.71 14.11 1.65
N SER A 155 16.49 14.64 1.76
CA SER A 155 16.08 15.40 2.92
C SER A 155 15.63 14.51 4.09
N ASN A 156 15.90 13.21 4.04
CA ASN A 156 15.63 12.34 5.18
C ASN A 156 16.82 11.39 5.36
N VAL A 157 16.89 10.81 6.55
CA VAL A 157 17.70 9.63 6.81
C VAL A 157 16.73 8.45 6.90
N CYS A 158 16.93 7.45 6.06
CA CYS A 158 16.06 6.29 6.05
C CYS A 158 16.83 5.05 6.48
N THR A 159 16.10 4.10 7.06
CA THR A 159 16.70 2.92 7.69
C THR A 159 15.80 1.71 7.43
N LEU A 160 16.43 0.54 7.38
CA LEU A 160 15.71 -0.68 7.05
C LEU A 160 16.28 -1.84 7.83
N VAL A 161 15.40 -2.74 8.26
CA VAL A 161 15.79 -4.03 8.85
C VAL A 161 15.48 -5.09 7.81
N ARG A 162 16.50 -5.86 7.40
CA ARG A 162 16.34 -6.86 6.34
C ARG A 162 16.29 -8.26 6.92
N GLY A 163 15.50 -9.13 6.28
CA GLY A 163 15.36 -10.51 6.71
C GLY A 163 14.16 -10.78 7.60
N ARG A 164 13.60 -9.73 8.21
CA ARG A 164 12.44 -9.83 9.09
C ARG A 164 11.66 -8.53 8.98
N GLN A 165 10.43 -8.52 9.52
CA GLN A 165 9.60 -7.31 9.52
C GLN A 165 9.84 -6.59 10.84
N ALA A 166 10.48 -5.43 10.78
CA ALA A 166 10.86 -4.70 11.99
C ALA A 166 11.08 -3.24 11.63
N GLY A 167 10.82 -2.37 12.60
CA GLY A 167 10.98 -0.94 12.40
C GLY A 167 10.32 -0.17 13.53
N VAL A 168 10.33 1.15 13.39
CA VAL A 168 9.65 1.99 14.38
C VAL A 168 8.14 1.89 14.16
N CYS A 169 7.39 2.28 15.18
CA CYS A 169 5.95 2.21 15.07
C CYS A 169 5.33 3.39 15.83
N PHE A 170 4.01 3.35 15.99
CA PHE A 170 3.30 4.52 16.52
C PHE A 170 3.70 4.77 17.97
N GLY A 171 4.07 6.02 18.27
CA GLY A 171 4.66 6.40 19.53
C GLY A 171 6.16 6.51 19.51
N ASP A 172 6.81 6.11 18.42
CA ASP A 172 8.26 6.22 18.31
C ASP A 172 8.70 7.52 17.65
N SER A 173 7.76 8.29 17.08
CA SER A 173 8.08 9.61 16.54
C SER A 173 8.82 10.45 17.57
N GLY A 174 9.82 11.20 17.10
CA GLY A 174 10.63 12.03 17.97
C GLY A 174 11.77 11.32 18.62
N SER A 175 11.78 10.01 18.57
CA SER A 175 12.84 9.25 19.23
C SER A 175 14.12 9.34 18.39
N PRO A 176 15.28 9.22 19.05
CA PRO A 176 16.55 9.36 18.34
C PRO A 176 16.96 8.13 17.56
N LEU A 177 17.69 8.38 16.47
CA LEU A 177 18.48 7.37 15.79
C LEU A 177 19.95 7.62 16.14
N VAL A 178 20.60 6.61 16.71
CA VAL A 178 21.98 6.72 17.20
C VAL A 178 22.91 5.97 16.24
N CYS A 179 23.90 6.66 15.67
CA CYS A 179 24.91 6.02 14.83
C CYS A 179 26.28 6.52 15.28
N ASN A 180 27.14 5.59 15.64
CA ASN A 180 28.52 5.88 16.04
C ASN A 180 28.56 6.84 17.23
N GLY A 181 27.63 6.67 18.17
CA GLY A 181 27.54 7.47 19.37
C GLY A 181 26.83 8.81 19.22
N LEU A 182 26.38 9.18 18.02
CA LEU A 182 25.81 10.50 17.78
C LEU A 182 24.36 10.39 17.35
N ILE A 183 23.57 11.40 17.72
CA ILE A 183 22.17 11.44 17.29
C ILE A 183 22.12 11.92 15.84
N HIS A 184 21.79 11.00 14.91
CA HIS A 184 21.74 11.36 13.50
C HIS A 184 20.34 11.51 12.92
N GLY A 185 19.31 11.04 13.61
CA GLY A 185 17.95 11.20 13.12
C GLY A 185 16.94 11.37 14.24
N ILE A 186 15.75 11.84 13.86
CA ILE A 186 14.56 11.91 14.70
C ILE A 186 13.46 11.18 13.96
N ALA A 187 12.85 10.17 14.59
CA ALA A 187 11.90 9.32 13.88
C ALA A 187 10.72 10.15 13.39
N SER A 188 10.40 10.04 12.10
CA SER A 188 9.38 10.92 11.50
C SER A 188 8.19 10.14 10.94
N PHE A 189 8.38 9.23 9.98
CA PHE A 189 7.20 8.60 9.38
C PHE A 189 7.56 7.26 8.77
N VAL A 190 6.51 6.43 8.62
CA VAL A 190 6.61 5.11 8.01
C VAL A 190 5.71 5.07 6.78
N ARG A 191 5.95 4.07 5.94
CA ARG A 191 5.26 3.92 4.67
C ARG A 191 4.71 2.51 4.59
N GLY A 192 3.43 2.40 4.24
CA GLY A 192 2.77 1.09 4.20
C GLY A 192 2.69 0.40 5.55
N GLY A 193 2.34 1.12 6.61
CA GLY A 193 2.19 0.54 7.92
C GLY A 193 3.52 0.19 8.58
N CYS A 194 3.42 -0.17 9.84
CA CYS A 194 4.61 -0.48 10.64
C CYS A 194 5.27 -1.78 10.17
N ALA A 195 6.60 -1.75 10.07
CA ALA A 195 7.41 -2.94 9.87
C ALA A 195 6.93 -3.71 8.64
N SER A 196 6.76 -2.97 7.54
CA SER A 196 6.34 -3.59 6.29
C SER A 196 7.42 -4.52 5.76
N GLY A 197 8.69 -4.15 5.93
CA GLY A 197 9.80 -4.85 5.33
C GLY A 197 10.13 -4.42 3.91
N LEU A 198 9.21 -3.71 3.25
CA LEU A 198 9.43 -3.14 1.92
C LEU A 198 10.06 -1.76 1.98
N TYR A 199 9.45 -0.83 2.73
CA TYR A 199 9.82 0.58 2.68
C TYR A 199 10.58 0.99 3.93
N PRO A 200 11.70 1.70 3.78
CA PRO A 200 12.46 2.12 4.96
C PRO A 200 11.73 3.17 5.78
N ASP A 201 11.93 3.09 7.10
CA ASP A 201 11.51 4.14 8.03
C ASP A 201 12.25 5.43 7.73
N ALA A 202 11.58 6.56 7.94
CA ALA A 202 12.14 7.87 7.60
C ALA A 202 12.39 8.70 8.86
N PHE A 203 13.61 9.23 8.99
CA PHE A 203 14.00 10.07 10.11
C PHE A 203 14.30 11.48 9.65
N ALA A 204 14.08 12.47 10.53
CA ALA A 204 14.54 13.82 10.20
C ALA A 204 16.06 13.85 10.35
N PRO A 205 16.77 14.49 9.41
CA PRO A 205 18.24 14.40 9.43
C PRO A 205 18.90 15.44 10.32
N VAL A 206 19.22 15.04 11.56
CA VAL A 206 19.71 15.96 12.59
C VAL A 206 20.96 16.71 12.16
N ALA A 207 21.87 16.04 11.41
CA ALA A 207 23.10 16.68 10.97
C ALA A 207 22.85 17.93 10.13
N GLN A 208 21.71 18.02 9.43
CA GLN A 208 21.43 19.22 8.66
C GLN A 208 21.07 20.40 9.55
N PHE A 209 20.86 20.20 10.86
CA PHE A 209 20.28 21.22 11.74
C PHE A 209 21.20 21.64 12.88
N VAL A 210 22.44 21.16 12.91
CA VAL A 210 23.31 21.31 14.06
C VAL A 210 23.62 22.78 14.34
N ASN A 211 24.01 23.55 13.31
CA ASN A 211 24.28 24.96 13.52
C ASN A 211 23.06 25.69 14.09
N TRP A 212 21.87 25.33 13.62
CA TRP A 212 20.65 25.93 14.14
C TRP A 212 20.41 25.55 15.59
N ILE A 213 20.53 24.25 15.90
CA ILE A 213 20.37 23.79 17.28
C ILE A 213 21.34 24.51 18.21
N ASP A 214 22.60 24.63 17.78
CA ASP A 214 23.59 25.33 18.60
C ASP A 214 23.20 26.78 18.83
N SER A 215 22.70 27.47 17.80
CA SER A 215 22.32 28.87 17.94
C SER A 215 21.19 29.04 18.95
N ILE A 216 20.35 28.00 19.12
CA ILE A 216 19.25 28.09 20.07
C ILE A 216 19.72 27.92 21.53
N ILE A 217 20.66 27.01 21.79
CA ILE A 217 21.23 26.99 23.14
C ILE A 217 22.14 28.20 23.36
N GLN A 218 22.70 28.73 22.29
CA GLN A 218 23.65 29.85 22.32
C GLN A 218 24.89 29.36 23.04
N SER B 2 -16.93 6.99 30.03
CA SER B 2 -15.65 6.39 29.64
C SER B 2 -15.42 6.41 28.12
N THR B 3 -16.47 6.70 27.34
CA THR B 3 -16.32 6.95 25.92
C THR B 3 -16.77 8.35 25.59
N ILE B 4 -16.36 8.82 24.42
CA ILE B 4 -16.70 10.16 23.95
C ILE B 4 -17.16 10.05 22.51
N GLN B 5 -18.14 10.88 22.16
CA GLN B 5 -18.58 11.03 20.78
C GLN B 5 -17.76 12.12 20.10
N ILE B 6 -17.29 11.84 18.89
CA ILE B 6 -16.53 12.80 18.08
C ILE B 6 -17.27 13.00 16.77
N PRO B 7 -17.78 14.20 16.48
CA PRO B 7 -18.60 14.38 15.28
C PRO B 7 -17.78 14.30 14.00
N TYR B 8 -18.43 13.81 12.94
CA TYR B 8 -17.79 13.70 11.64
C TYR B 8 -18.78 14.08 10.54
N THR B 9 -18.22 14.46 9.40
CA THR B 9 -19.01 14.74 8.21
C THR B 9 -18.34 14.10 7.01
N ILE B 10 -19.13 13.69 6.03
CA ILE B 10 -18.63 13.03 4.83
C ILE B 10 -19.08 13.81 3.59
N THR B 11 -18.12 14.16 2.73
CA THR B 11 -18.39 14.87 1.48
C THR B 11 -17.85 14.04 0.32
N VAL B 12 -18.73 13.67 -0.60
CA VAL B 12 -18.40 12.86 -1.77
C VAL B 12 -18.87 13.62 -3.00
N ASN B 13 -17.91 14.04 -3.84
CA ASN B 13 -18.20 14.82 -5.05
C ASN B 13 -19.06 16.05 -4.75
N GLY B 14 -18.62 16.82 -3.76
CA GLY B 14 -19.26 18.08 -3.43
C GLY B 14 -20.57 17.99 -2.67
N THR B 15 -21.16 16.81 -2.57
CA THR B 15 -22.42 16.62 -1.84
C THR B 15 -22.14 16.06 -0.46
N SER B 16 -22.70 16.69 0.56
CA SER B 16 -22.51 16.25 1.95
C SER B 16 -23.51 15.17 2.31
N GLN B 17 -24.11 15.26 3.49
CA GLN B 17 -25.07 14.25 3.91
C GLN B 17 -26.19 14.87 4.75
N ASN B 18 -25.99 16.11 5.20
CA ASN B 18 -27.01 16.85 5.93
C ASN B 18 -27.43 16.12 7.19
N ILE B 19 -26.48 15.45 7.83
CA ILE B 19 -26.74 14.63 9.00
C ILE B 19 -25.85 15.07 10.16
N LEU B 20 -26.35 14.90 11.37
CA LEU B 20 -25.54 14.96 12.58
C LEU B 20 -25.25 13.53 13.05
N SER B 21 -23.98 13.15 13.03
CA SER B 21 -23.56 11.81 13.40
C SER B 21 -22.15 11.88 13.97
N SER B 22 -21.78 10.87 14.74
CA SER B 22 -20.50 10.93 15.45
C SER B 22 -19.94 9.53 15.64
N LEU B 23 -18.62 9.48 15.86
CA LEU B 23 -17.89 8.25 16.14
C LEU B 23 -17.60 8.11 17.64
N THR B 24 -17.49 6.86 18.07
CA THR B 24 -17.26 6.54 19.47
C THR B 24 -15.79 6.21 19.68
N PHE B 25 -15.14 6.98 20.55
CA PHE B 25 -13.76 6.73 20.95
C PHE B 25 -13.73 6.52 22.45
N ASN B 26 -12.64 5.90 22.89
CA ASN B 26 -12.36 5.85 24.32
C ASN B 26 -11.88 7.21 24.81
N LYS B 27 -12.38 7.62 25.96
CA LYS B 27 -12.00 8.90 26.53
C LYS B 27 -10.50 8.90 26.82
N ASN B 28 -9.82 9.97 26.40
CA ASN B 28 -8.45 10.26 26.87
C ASN B 28 -7.49 9.11 26.57
N GLN B 29 -7.51 8.62 25.34
CA GLN B 29 -6.64 7.54 24.93
C GLN B 29 -5.71 8.05 23.85
N ASN B 30 -4.47 7.60 23.87
CA ASN B 30 -3.50 7.95 22.84
C ASN B 30 -3.58 6.89 21.73
N ILE B 31 -4.05 7.30 20.55
CA ILE B 31 -4.27 6.41 19.41
C ILE B 31 -3.47 6.91 18.20
N SER B 32 -3.35 6.04 17.19
CA SER B 32 -2.60 6.36 15.98
C SER B 32 -3.54 6.82 14.87
N TYR B 33 -2.92 7.36 13.81
CA TYR B 33 -3.66 7.72 12.59
C TYR B 33 -4.08 6.51 11.78
N LYS B 34 -3.56 5.31 12.09
CA LYS B 34 -4.11 4.11 11.48
C LYS B 34 -5.41 3.70 12.18
N ASP B 35 -5.48 3.86 13.51
CA ASP B 35 -6.73 3.70 14.25
C ASP B 35 -7.80 4.63 13.68
N ILE B 36 -7.45 5.89 13.47
CA ILE B 36 -8.41 6.85 12.94
C ILE B 36 -8.81 6.46 11.51
N GLU B 37 -7.84 6.10 10.68
CA GLU B 37 -8.16 5.65 9.32
C GLU B 37 -9.15 4.49 9.32
N ASN B 38 -8.99 3.52 10.22
CA ASN B 38 -9.93 2.41 10.29
C ASN B 38 -11.35 2.90 10.54
N LYS B 39 -11.51 3.96 11.34
CA LYS B 39 -12.86 4.43 11.61
C LYS B 39 -13.42 5.27 10.48
N VAL B 40 -12.57 6.10 9.83
CA VAL B 40 -13.00 6.86 8.66
C VAL B 40 -13.43 5.92 7.53
N LYS B 41 -12.72 4.80 7.35
CA LYS B 41 -13.11 3.88 6.29
C LYS B 41 -14.43 3.20 6.59
N SER B 42 -14.71 2.94 7.87
CA SER B 42 -15.97 2.26 8.19
C SER B 42 -17.16 3.19 7.96
N VAL B 43 -17.04 4.48 8.30
CA VAL B 43 -18.17 5.36 8.03
C VAL B 43 -18.33 5.59 6.52
N LEU B 44 -17.22 5.64 5.77
CA LEU B 44 -17.32 5.69 4.31
C LEU B 44 -18.14 4.53 3.77
N TYR B 45 -17.80 3.30 4.19
CA TYR B 45 -18.54 2.13 3.73
C TYR B 45 -20.00 2.17 4.20
N PHE B 46 -20.22 2.52 5.47
CA PHE B 46 -21.55 2.37 6.05
C PHE B 46 -22.50 3.49 5.62
N ASN B 47 -22.02 4.74 5.57
CA ASN B 47 -22.88 5.86 5.23
C ASN B 47 -22.89 6.19 3.74
N ARG B 48 -21.84 5.85 2.98
CA ARG B 48 -21.80 6.21 1.57
C ARG B 48 -21.54 5.04 0.62
N GLY B 49 -21.45 3.81 1.13
CA GLY B 49 -21.18 2.67 0.29
C GLY B 49 -19.81 2.63 -0.34
N ILE B 50 -18.82 3.35 0.20
CA ILE B 50 -17.51 3.43 -0.41
C ILE B 50 -16.61 2.40 0.27
N SER B 51 -16.26 1.33 -0.46
CA SER B 51 -15.42 0.30 0.11
C SER B 51 -13.94 0.65 -0.06
N ASP B 52 -13.07 -0.21 0.48
CA ASP B 52 -11.63 -0.07 0.26
C ASP B 52 -11.30 0.00 -1.24
N ILE B 53 -11.89 -0.88 -2.04
CA ILE B 53 -11.62 -0.88 -3.49
C ILE B 53 -12.02 0.46 -4.09
N ASP B 54 -13.22 0.96 -3.74
CA ASP B 54 -13.72 2.23 -4.29
C ASP B 54 -12.87 3.41 -3.83
N LEU B 55 -12.33 3.34 -2.61
CA LEU B 55 -11.44 4.40 -2.13
C LEU B 55 -10.14 4.41 -2.92
N ARG B 56 -9.60 3.23 -3.21
CA ARG B 56 -8.37 3.17 -4.01
C ARG B 56 -8.59 3.72 -5.41
N LEU B 57 -9.77 3.53 -5.97
CA LEU B 57 -10.05 3.94 -7.33
C LEU B 57 -10.55 5.37 -7.45
N SER B 58 -10.74 6.07 -6.33
CA SER B 58 -11.21 7.45 -6.39
C SER B 58 -10.09 8.38 -6.84
N LYS B 59 -10.46 9.53 -7.44
CA LYS B 59 -9.45 10.49 -7.89
C LYS B 59 -8.68 11.10 -6.71
N GLN B 60 -9.39 11.49 -5.65
CA GLN B 60 -8.76 12.07 -4.46
C GLN B 60 -9.56 11.65 -3.24
N ALA B 61 -8.85 11.41 -2.12
CA ALA B 61 -9.52 10.99 -0.89
C ALA B 61 -8.71 11.43 0.31
N GLU B 62 -9.27 12.30 1.14
CA GLU B 62 -8.58 12.76 2.32
C GLU B 62 -9.57 12.90 3.47
N TYR B 63 -9.02 13.00 4.68
CA TYR B 63 -9.81 13.39 5.83
C TYR B 63 -8.99 14.35 6.67
N THR B 64 -9.69 15.20 7.41
CA THR B 64 -9.07 16.20 8.27
C THR B 64 -9.49 15.95 9.71
N VAL B 65 -8.49 15.89 10.59
CA VAL B 65 -8.74 15.89 12.02
C VAL B 65 -8.68 17.34 12.50
N HIS B 66 -9.81 17.83 13.03
CA HIS B 66 -9.88 19.15 13.64
C HIS B 66 -9.64 19.02 15.15
N PHE B 67 -8.64 19.72 15.64
CA PHE B 67 -8.30 19.66 17.06
C PHE B 67 -8.98 20.79 17.82
N LYS B 68 -9.09 20.61 19.13
CA LYS B 68 -9.84 21.59 19.92
C LYS B 68 -9.09 22.90 20.08
N ASN B 69 -7.77 22.91 19.93
CA ASN B 69 -7.05 24.18 19.99
C ASN B 69 -7.11 24.96 18.67
N GLY B 70 -7.97 24.58 17.73
CA GLY B 70 -8.14 25.30 16.49
C GLY B 70 -7.21 24.88 15.36
N THR B 71 -6.28 23.98 15.59
CA THR B 71 -5.43 23.53 14.49
C THR B 71 -6.10 22.37 13.74
N LYS B 72 -5.48 21.95 12.64
CA LYS B 72 -6.00 20.77 11.97
C LYS B 72 -4.87 20.02 11.30
N ARG B 73 -5.16 18.80 10.92
CA ARG B 73 -4.23 17.91 10.26
C ARG B 73 -4.95 17.24 9.10
N VAL B 74 -4.38 17.32 7.90
CA VAL B 74 -5.00 16.77 6.70
C VAL B 74 -4.26 15.51 6.31
N ILE B 75 -4.99 14.39 6.22
CA ILE B 75 -4.43 13.08 5.90
C ILE B 75 -4.89 12.65 4.51
N ASP B 76 -3.95 12.24 3.67
CA ASP B 76 -4.26 11.72 2.34
C ASP B 76 -4.49 10.21 2.47
N LEU B 77 -5.71 9.77 2.16
CA LEU B 77 -6.06 8.36 2.33
C LEU B 77 -5.43 7.45 1.27
N LYS B 78 -4.79 8.00 0.24
CA LYS B 78 -4.18 7.19 -0.83
C LYS B 78 -2.66 7.25 -0.81
N SER B 79 -2.06 7.84 0.22
CA SER B 79 -0.63 8.02 0.29
C SER B 79 0.09 6.85 0.93
N GLY B 80 -0.55 6.12 1.84
CA GLY B 80 0.18 5.10 2.59
C GLY B 80 1.33 5.61 3.43
N ILE B 81 1.35 6.91 3.77
CA ILE B 81 2.37 7.47 4.68
C ILE B 81 1.72 7.70 6.04
N TYR B 82 2.40 7.30 7.11
CA TYR B 82 1.93 7.56 8.47
C TYR B 82 3.07 8.09 9.32
N THR B 83 2.88 9.29 9.89
CA THR B 83 3.75 9.73 10.96
C THR B 83 3.62 8.75 12.12
N ALA B 84 4.73 8.55 12.84
CA ALA B 84 4.81 7.55 13.90
C ALA B 84 4.42 8.08 15.27
N ASP B 85 3.40 8.94 15.35
CA ASP B 85 2.98 9.57 16.60
C ASP B 85 1.69 8.93 17.12
N LEU B 86 1.31 9.32 18.34
CA LEU B 86 -0.02 9.07 18.87
C LEU B 86 -0.67 10.39 19.22
N ILE B 87 -1.99 10.46 19.05
CA ILE B 87 -2.75 11.64 19.46
C ILE B 87 -3.85 11.21 20.43
N ASN B 88 -4.24 12.16 21.28
CA ASN B 88 -5.17 11.89 22.37
C ASN B 88 -6.60 12.16 21.91
N THR B 89 -7.49 11.20 22.16
CA THR B 89 -8.88 11.31 21.67
C THR B 89 -9.62 12.50 22.26
N SER B 90 -9.28 12.93 23.46
CA SER B 90 -10.02 14.03 24.05
C SER B 90 -9.55 15.38 23.54
N ASP B 91 -8.53 15.42 22.68
CA ASP B 91 -8.09 16.66 22.07
C ASP B 91 -8.72 16.92 20.70
N ILE B 92 -9.63 16.06 20.24
CA ILE B 92 -10.14 16.11 18.87
C ILE B 92 -11.50 16.81 18.87
N LYS B 93 -11.64 17.84 18.05
CA LYS B 93 -12.95 18.50 17.93
C LYS B 93 -13.87 17.75 16.97
N ALA B 94 -13.37 17.41 15.78
CA ALA B 94 -14.20 16.83 14.72
C ALA B 94 -13.31 16.18 13.66
N ILE B 95 -13.95 15.40 12.78
CA ILE B 95 -13.29 14.81 11.62
C ILE B 95 -14.15 15.11 10.40
N SER B 96 -13.52 15.56 9.32
CA SER B 96 -14.25 15.74 8.07
C SER B 96 -13.60 14.89 6.98
N VAL B 97 -14.41 14.14 6.25
CA VAL B 97 -13.95 13.26 5.19
C VAL B 97 -14.35 13.85 3.85
N ASN B 98 -13.43 13.81 2.90
CA ASN B 98 -13.62 14.40 1.57
C ASN B 98 -13.17 13.42 0.51
N VAL B 99 -14.10 12.91 -0.30
CA VAL B 99 -13.77 12.00 -1.39
C VAL B 99 -14.35 12.56 -2.70
N ASP B 100 -13.47 12.82 -3.67
CA ASP B 100 -13.91 13.35 -4.96
C ASP B 100 -13.85 12.28 -6.05
N ILE C 1 -0.49 -18.07 -10.19
CA ILE C 1 -0.93 -18.60 -8.90
C ILE C 1 0.28 -18.74 -7.96
N VAL C 2 0.27 -18.02 -6.85
CA VAL C 2 1.36 -18.06 -5.88
C VAL C 2 0.96 -18.98 -4.74
N GLY C 3 1.88 -19.87 -4.34
CA GLY C 3 1.58 -20.78 -3.25
C GLY C 3 0.56 -21.84 -3.57
N GLY C 4 0.35 -22.17 -4.84
CA GLY C 4 -0.55 -23.22 -5.25
C GLY C 4 0.17 -24.52 -5.50
N ARG C 5 -0.51 -25.43 -6.21
CA ARG C 5 0.04 -26.73 -6.58
C ARG C 5 -0.30 -27.01 -8.04
N ARG C 6 0.48 -27.90 -8.65
CA ARG C 6 0.18 -28.30 -10.01
C ARG C 6 -1.16 -29.04 -10.05
N ALA C 7 -1.96 -28.72 -11.04
CA ALA C 7 -3.21 -29.43 -11.25
C ALA C 7 -2.93 -30.83 -11.83
N ARG C 8 -3.88 -31.73 -11.62
CA ARG C 8 -3.85 -33.00 -12.32
C ARG C 8 -4.05 -32.75 -13.82
N PRO C 9 -3.33 -33.47 -14.68
CA PRO C 9 -3.49 -33.29 -16.13
C PRO C 9 -4.95 -33.37 -16.56
N HIS C 10 -5.42 -32.26 -17.14
CA HIS C 10 -6.77 -32.14 -17.70
C HIS C 10 -7.85 -32.35 -16.63
N ALA C 11 -7.53 -31.97 -15.39
CA ALA C 11 -8.53 -31.99 -14.33
C ALA C 11 -9.61 -30.92 -14.55
N TRP C 12 -9.30 -29.85 -15.25
CA TRP C 12 -10.24 -28.74 -15.46
C TRP C 12 -10.39 -28.52 -16.97
N PRO C 13 -11.12 -29.40 -17.65
CA PRO C 13 -11.11 -29.39 -19.13
C PRO C 13 -11.74 -28.15 -19.75
N PHE C 14 -12.39 -27.29 -18.96
CA PHE C 14 -12.93 -26.01 -19.41
C PHE C 14 -11.91 -24.88 -19.37
N MET C 15 -10.69 -25.16 -18.94
CA MET C 15 -9.71 -24.11 -18.72
C MET C 15 -9.06 -23.71 -20.04
N VAL C 16 -8.96 -22.41 -20.29
CA VAL C 16 -8.50 -21.85 -21.56
C VAL C 16 -7.30 -20.93 -21.33
N SER C 17 -6.33 -21.02 -22.23
CA SER C 17 -5.18 -20.12 -22.29
C SER C 17 -5.34 -19.19 -23.50
N LEU C 18 -5.43 -17.88 -23.24
CA LEU C 18 -5.40 -16.89 -24.31
C LEU C 18 -3.96 -16.48 -24.53
N GLN C 19 -3.52 -16.49 -25.79
CA GLN C 19 -2.11 -16.33 -26.10
C GLN C 19 -1.89 -15.30 -27.19
N LEU C 20 -0.79 -14.57 -27.07
CA LEU C 20 -0.32 -13.60 -28.05
C LEU C 20 1.07 -14.03 -28.48
N ARG C 21 1.28 -14.14 -29.78
CA ARG C 21 2.59 -14.49 -30.33
C ARG C 21 3.20 -15.66 -29.57
N GLY C 22 2.41 -16.70 -29.35
CA GLY C 22 2.85 -17.89 -28.66
C GLY C 22 2.98 -17.78 -27.15
N GLY C 23 2.66 -16.63 -26.55
CA GLY C 23 2.82 -16.43 -25.12
C GLY C 23 1.51 -16.21 -24.39
N HIS C 24 1.31 -16.96 -23.30
CA HIS C 24 0.09 -16.85 -22.50
C HIS C 24 0.03 -15.48 -21.82
N PHE C 25 -1.10 -14.78 -21.92
CA PHE C 25 -1.26 -13.52 -21.22
C PHE C 25 -2.49 -13.46 -20.31
N CYS C 26 -3.49 -14.30 -20.52
CA CYS C 26 -4.68 -14.29 -19.71
C CYS C 26 -5.33 -15.66 -19.79
N GLY C 27 -6.20 -15.94 -18.82
CA GLY C 27 -7.01 -17.13 -18.85
C GLY C 27 -8.41 -16.85 -19.34
N ALA C 28 -9.13 -17.95 -19.57
CA ALA C 28 -10.55 -17.89 -19.91
C ALA C 28 -11.20 -19.22 -19.53
N THR C 29 -12.50 -19.29 -19.73
CA THR C 29 -13.31 -20.47 -19.43
C THR C 29 -14.19 -20.79 -20.63
N LEU C 30 -14.25 -22.06 -21.00
CA LEU C 30 -15.06 -22.48 -22.15
C LEU C 30 -16.50 -22.65 -21.68
N ILE C 31 -17.42 -21.85 -22.22
CA ILE C 31 -18.81 -21.81 -21.78
C ILE C 31 -19.78 -22.29 -22.87
N ALA C 32 -19.28 -22.55 -24.06
CA ALA C 32 -19.96 -23.28 -25.13
C ALA C 32 -18.87 -23.72 -26.09
N PRO C 33 -19.18 -24.61 -27.05
CA PRO C 33 -18.10 -25.02 -27.97
C PRO C 33 -17.47 -23.86 -28.73
N ASN C 34 -18.24 -22.80 -29.01
CA ASN C 34 -17.72 -21.66 -29.78
C ASN C 34 -17.70 -20.35 -28.99
N PHE C 35 -17.64 -20.40 -27.65
CA PHE C 35 -17.59 -19.19 -26.81
C PHE C 35 -16.73 -19.42 -25.58
N VAL C 36 -15.79 -18.49 -25.31
CA VAL C 36 -15.09 -18.46 -24.02
C VAL C 36 -15.39 -17.16 -23.28
N MET C 37 -15.18 -17.22 -21.97
CA MET C 37 -15.52 -16.14 -21.06
C MET C 37 -14.25 -15.72 -20.34
N SER C 38 -13.96 -14.42 -20.38
CA SER C 38 -12.71 -13.91 -19.81
C SER C 38 -13.00 -12.57 -19.14
N ALA C 39 -11.93 -11.87 -18.79
CA ALA C 39 -12.00 -10.54 -18.20
C ALA C 39 -11.90 -9.47 -19.28
N ALA C 40 -12.75 -8.44 -19.18
CA ALA C 40 -12.78 -7.42 -20.22
C ALA C 40 -11.43 -6.69 -20.33
N HIS C 41 -10.75 -6.45 -19.20
CA HIS C 41 -9.49 -5.72 -19.27
C HIS C 41 -8.41 -6.51 -20.01
N CYS C 42 -8.56 -7.83 -20.14
CA CYS C 42 -7.64 -8.65 -20.95
C CYS C 42 -7.72 -8.33 -22.45
N VAL C 43 -8.84 -7.81 -22.95
CA VAL C 43 -8.99 -7.55 -24.38
C VAL C 43 -9.26 -6.08 -24.68
N ALA C 44 -9.25 -5.21 -23.68
CA ALA C 44 -9.51 -3.79 -23.93
C ALA C 44 -8.46 -3.17 -24.87
N ASN C 45 -7.19 -3.60 -24.78
CA ASN C 45 -6.12 -2.95 -25.54
C ASN C 45 -5.37 -3.92 -26.44
N VAL C 46 -5.91 -5.10 -26.67
CA VAL C 46 -5.20 -6.12 -27.43
C VAL C 46 -5.73 -6.13 -28.86
N ASN C 47 -4.87 -6.56 -29.78
CA ASN C 47 -5.27 -6.79 -31.18
C ASN C 47 -6.07 -8.09 -31.21
N VAL C 48 -7.40 -7.96 -31.27
CA VAL C 48 -8.28 -9.12 -31.18
C VAL C 48 -7.92 -10.17 -32.23
N ARG C 49 -7.64 -9.74 -33.46
CA ARG C 49 -7.38 -10.70 -34.52
C ARG C 49 -6.03 -11.40 -34.37
N ALA C 50 -5.21 -11.01 -33.39
CA ALA C 50 -3.95 -11.70 -33.17
C ALA C 50 -4.02 -12.72 -32.04
N VAL C 51 -5.14 -12.79 -31.33
CA VAL C 51 -5.26 -13.61 -30.13
C VAL C 51 -5.57 -15.04 -30.53
N ARG C 52 -4.88 -15.99 -29.91
CA ARG C 52 -5.12 -17.41 -30.11
C ARG C 52 -5.69 -18.02 -28.84
N VAL C 53 -6.80 -18.73 -28.98
CA VAL C 53 -7.52 -19.35 -27.89
C VAL C 53 -7.14 -20.83 -27.89
N VAL C 54 -6.49 -21.28 -26.81
CA VAL C 54 -5.92 -22.62 -26.71
C VAL C 54 -6.72 -23.43 -25.69
N LEU C 55 -7.38 -24.48 -26.17
CA LEU C 55 -8.19 -25.40 -25.38
C LEU C 55 -7.43 -26.72 -25.18
N GLY C 56 -7.80 -27.44 -24.12
CA GLY C 56 -7.23 -28.76 -23.90
C GLY C 56 -5.78 -28.77 -23.49
N ALA C 57 -5.28 -27.67 -22.95
CA ALA C 57 -3.87 -27.57 -22.60
C ALA C 57 -3.66 -27.89 -21.13
N HIS C 58 -2.43 -28.24 -20.79
CA HIS C 58 -2.05 -28.47 -19.41
C HIS C 58 -0.65 -27.92 -19.14
N ASN C 59 0.31 -28.27 -19.99
CA ASN C 59 1.70 -27.84 -19.90
C ASN C 59 1.98 -26.94 -21.11
N LEU C 60 2.02 -25.62 -20.88
CA LEU C 60 2.17 -24.67 -21.97
C LEU C 60 3.52 -24.78 -22.69
N SER C 61 4.52 -25.40 -22.06
CA SER C 61 5.86 -25.43 -22.65
C SER C 61 6.07 -26.61 -23.60
N ARG C 62 5.26 -27.66 -23.49
CA ARG C 62 5.36 -28.82 -24.36
C ARG C 62 4.27 -28.78 -25.43
N ARG C 63 4.58 -29.33 -26.59
CA ARG C 63 3.57 -29.52 -27.62
C ARG C 63 2.68 -30.69 -27.23
N GLU C 64 1.37 -30.44 -27.18
CA GLU C 64 0.41 -31.40 -26.68
C GLU C 64 -0.64 -31.68 -27.76
N PRO C 65 -0.86 -32.95 -28.12
CA PRO C 65 -1.85 -33.25 -29.16
C PRO C 65 -3.29 -33.10 -28.68
N THR C 66 -3.51 -32.95 -27.37
CA THR C 66 -4.84 -32.70 -26.82
C THR C 66 -5.33 -31.29 -27.05
N ARG C 67 -4.53 -30.38 -27.60
CA ARG C 67 -4.92 -28.98 -27.71
C ARG C 67 -5.77 -28.74 -28.96
N GLN C 68 -6.70 -27.79 -28.84
CA GLN C 68 -7.44 -27.26 -29.98
C GLN C 68 -7.31 -25.74 -29.96
N VAL C 69 -6.97 -25.14 -31.11
CA VAL C 69 -6.60 -23.73 -31.17
C VAL C 69 -7.57 -23.00 -32.11
N PHE C 70 -8.13 -21.89 -31.63
CA PHE C 70 -9.10 -21.11 -32.37
C PHE C 70 -8.66 -19.65 -32.43
N ALA C 71 -9.30 -18.90 -33.32
CA ALA C 71 -9.19 -17.45 -33.35
C ALA C 71 -10.46 -16.81 -32.78
N VAL C 72 -10.40 -15.50 -32.52
CA VAL C 72 -11.53 -14.76 -31.95
C VAL C 72 -12.23 -14.01 -33.07
N GLN C 73 -13.53 -14.30 -33.24
CA GLN C 73 -14.36 -13.72 -34.29
C GLN C 73 -15.11 -12.47 -33.84
N ARG C 74 -15.53 -12.43 -32.58
CA ARG C 74 -16.39 -11.35 -32.08
C ARG C 74 -16.25 -11.29 -30.57
N ILE C 75 -16.59 -10.11 -30.04
CA ILE C 75 -16.39 -9.79 -28.64
C ILE C 75 -17.68 -9.19 -28.10
N PHE C 76 -18.15 -9.72 -26.99
CA PHE C 76 -19.35 -9.20 -26.33
C PHE C 76 -19.00 -8.77 -24.92
N GLU C 77 -19.46 -7.58 -24.52
CA GLU C 77 -19.27 -7.04 -23.18
C GLU C 77 -20.61 -6.57 -22.65
N ASN C 78 -20.63 -6.20 -21.36
CA ASN C 78 -21.87 -5.84 -20.67
C ASN C 78 -21.62 -4.69 -19.70
N GLY C 79 -21.33 -3.51 -20.25
CA GLY C 79 -21.19 -2.32 -19.45
C GLY C 79 -19.89 -2.19 -18.72
N TYR C 80 -18.81 -2.76 -19.26
CA TYR C 80 -17.51 -2.71 -18.61
C TYR C 80 -17.13 -1.28 -18.25
N ASP C 81 -16.70 -1.09 -17.00
CA ASP C 81 -16.32 0.22 -16.50
C ASP C 81 -14.88 0.13 -16.04
N PRO C 82 -13.91 0.55 -16.86
CA PRO C 82 -12.50 0.38 -16.50
C PRO C 82 -12.03 1.33 -15.39
N VAL C 83 -12.77 2.41 -15.10
CA VAL C 83 -12.34 3.32 -14.04
C VAL C 83 -12.65 2.72 -12.67
N ASN C 84 -13.77 2.01 -12.55
CA ASN C 84 -14.16 1.38 -11.30
C ASN C 84 -13.96 -0.13 -11.32
N LEU C 85 -13.40 -0.66 -12.40
CA LEU C 85 -13.24 -2.11 -12.60
C LEU C 85 -14.53 -2.85 -12.30
N LEU C 86 -15.63 -2.33 -12.82
CA LEU C 86 -16.94 -2.97 -12.70
C LEU C 86 -17.24 -3.73 -13.99
N ASN C 87 -18.02 -4.80 -13.84
CA ASN C 87 -18.51 -5.59 -14.98
C ASN C 87 -17.34 -6.01 -15.86
N ASP C 88 -16.33 -6.59 -15.23
CA ASP C 88 -15.09 -6.95 -15.90
C ASP C 88 -15.21 -8.33 -16.55
N ILE C 89 -16.13 -8.43 -17.49
CA ILE C 89 -16.40 -9.72 -18.11
C ILE C 89 -16.52 -9.52 -19.62
N VAL C 90 -15.95 -10.47 -20.36
CA VAL C 90 -16.07 -10.45 -21.82
C VAL C 90 -16.33 -11.88 -22.29
N ILE C 91 -17.13 -11.99 -23.35
CA ILE C 91 -17.33 -13.25 -24.06
C ILE C 91 -16.70 -13.13 -25.43
N LEU C 92 -15.82 -14.08 -25.75
CA LEU C 92 -15.16 -14.14 -27.04
C LEU C 92 -15.79 -15.28 -27.85
N GLN C 93 -16.30 -14.95 -29.03
CA GLN C 93 -16.79 -15.98 -29.94
C GLN C 93 -15.63 -16.54 -30.76
N LEU C 94 -15.55 -17.86 -30.85
CA LEU C 94 -14.46 -18.51 -31.58
C LEU C 94 -14.81 -18.62 -33.06
N ASN C 95 -13.77 -18.76 -33.91
CA ASN C 95 -13.94 -18.93 -35.36
C ASN C 95 -14.37 -20.34 -35.74
N GLY C 96 -14.79 -21.14 -34.78
CA GLY C 96 -15.35 -22.46 -35.04
C GLY C 96 -15.86 -23.02 -33.74
N SER C 97 -16.24 -24.30 -33.77
CA SER C 97 -16.70 -24.97 -32.57
C SER C 97 -15.67 -26.01 -32.11
N ALA C 98 -15.41 -26.03 -30.82
CA ALA C 98 -14.52 -27.03 -30.25
C ALA C 98 -15.16 -28.41 -30.33
N THR C 99 -14.33 -29.42 -30.51
CA THR C 99 -14.75 -30.81 -30.40
C THR C 99 -14.68 -31.22 -28.94
N ILE C 100 -15.77 -31.76 -28.41
CA ILE C 100 -15.87 -32.10 -27.01
C ILE C 100 -15.32 -33.50 -26.79
N ASN C 101 -14.52 -33.66 -25.74
CA ASN C 101 -13.92 -34.95 -25.41
C ASN C 101 -13.50 -34.91 -23.94
N ALA C 102 -12.57 -35.77 -23.56
CA ALA C 102 -12.17 -35.82 -22.16
C ALA C 102 -11.41 -34.56 -21.76
N ASN C 103 -10.63 -33.98 -22.67
CA ASN C 103 -9.77 -32.86 -22.34
C ASN C 103 -10.33 -31.49 -22.70
N VAL C 104 -11.46 -31.41 -23.41
CA VAL C 104 -12.11 -30.12 -23.72
C VAL C 104 -13.60 -30.27 -23.41
N GLN C 105 -14.09 -29.53 -22.41
CA GLN C 105 -15.50 -29.64 -22.01
C GLN C 105 -16.05 -28.30 -21.58
N VAL C 106 -17.37 -28.14 -21.71
CA VAL C 106 -18.02 -26.88 -21.40
C VAL C 106 -18.29 -26.80 -19.90
N ALA C 107 -18.00 -25.65 -19.30
CA ALA C 107 -18.21 -25.40 -17.88
C ALA C 107 -19.69 -25.23 -17.54
N GLN C 108 -20.02 -25.53 -16.29
CA GLN C 108 -21.34 -25.26 -15.73
C GLN C 108 -21.28 -23.98 -14.90
N LEU C 109 -22.27 -23.09 -15.13
CA LEU C 109 -22.47 -21.80 -14.52
C LEU C 109 -23.53 -21.89 -13.43
N PRO C 110 -23.52 -20.98 -12.45
CA PRO C 110 -24.60 -20.96 -11.46
C PRO C 110 -25.85 -20.32 -12.03
N ALA C 111 -26.94 -20.45 -11.28
CA ALA C 111 -28.16 -19.73 -11.66
C ALA C 111 -27.99 -18.24 -11.38
N GLN C 112 -28.74 -17.43 -12.11
CA GLN C 112 -28.65 -15.97 -11.96
C GLN C 112 -28.87 -15.57 -10.50
N GLY C 113 -27.96 -14.76 -9.98
CA GLY C 113 -28.11 -14.17 -8.67
C GLY C 113 -27.60 -14.99 -7.50
N ARG C 114 -27.15 -16.24 -7.72
CA ARG C 114 -26.64 -17.05 -6.61
C ARG C 114 -25.49 -16.31 -5.92
N ARG C 115 -25.55 -16.20 -4.61
CA ARG C 115 -24.52 -15.44 -3.90
C ARG C 115 -23.79 -16.34 -2.93
N LEU C 116 -22.47 -16.20 -2.90
CA LEU C 116 -21.62 -17.01 -2.04
C LEU C 116 -21.40 -16.31 -0.71
N GLY C 117 -21.67 -17.02 0.38
CA GLY C 117 -21.46 -16.46 1.70
C GLY C 117 -20.01 -16.49 2.12
N ASN C 118 -19.74 -15.79 3.22
CA ASN C 118 -18.41 -15.73 3.78
C ASN C 118 -18.01 -17.10 4.34
N GLY C 119 -16.85 -17.61 3.90
CA GLY C 119 -16.34 -18.89 4.35
C GLY C 119 -16.43 -20.01 3.33
N VAL C 120 -17.13 -19.80 2.20
CA VAL C 120 -17.29 -20.86 1.21
C VAL C 120 -15.93 -21.22 0.63
N GLN C 121 -15.69 -22.52 0.49
CA GLN C 121 -14.42 -23.02 -0.02
C GLN C 121 -14.45 -23.12 -1.54
N CYS C 122 -13.46 -22.50 -2.21
CA CYS C 122 -13.37 -22.48 -3.66
C CYS C 122 -11.98 -22.87 -4.14
N LEU C 123 -11.87 -23.04 -5.46
CA LEU C 123 -10.61 -23.38 -6.10
C LEU C 123 -10.32 -22.37 -7.19
N ALA C 124 -9.23 -21.62 -7.04
CA ALA C 124 -8.72 -20.76 -8.10
C ALA C 124 -7.70 -21.53 -8.93
N MET C 125 -7.47 -21.06 -10.16
CA MET C 125 -6.54 -21.77 -11.04
C MET C 125 -6.02 -20.81 -12.11
N GLY C 126 -4.89 -21.17 -12.70
CA GLY C 126 -4.38 -20.34 -13.79
C GLY C 126 -2.94 -20.69 -14.13
N TRP C 127 -2.47 -20.02 -15.17
CA TRP C 127 -1.09 -20.16 -15.63
C TRP C 127 -0.24 -18.92 -15.31
N GLY C 128 -0.67 -18.09 -14.37
CA GLY C 128 0.04 -16.87 -14.02
C GLY C 128 1.39 -17.11 -13.35
N LEU C 129 1.99 -16.01 -12.90
CA LEU C 129 3.27 -16.08 -12.21
C LEU C 129 3.16 -16.90 -10.93
N LEU C 130 4.18 -17.73 -10.68
CA LEU C 130 4.27 -18.57 -9.49
C LEU C 130 4.67 -17.79 -8.25
N GLY C 131 5.01 -16.52 -8.41
CA GLY C 131 5.49 -15.71 -7.32
C GLY C 131 6.11 -14.45 -7.89
N ARG C 132 6.18 -13.41 -7.07
CA ARG C 132 6.96 -12.24 -7.44
C ARG C 132 8.42 -12.65 -7.62
N ASN C 133 8.98 -12.27 -8.78
CA ASN C 133 10.36 -12.53 -9.22
C ASN C 133 10.48 -13.79 -10.08
N ARG C 134 9.56 -14.75 -9.94
CA ARG C 134 9.87 -16.14 -10.21
C ARG C 134 9.27 -16.71 -11.49
N GLY C 135 8.60 -15.89 -12.31
CA GLY C 135 8.30 -16.26 -13.68
C GLY C 135 6.94 -16.92 -13.89
N ILE C 136 6.51 -16.95 -15.15
CA ILE C 136 5.21 -17.52 -15.51
C ILE C 136 5.24 -19.05 -15.33
N ALA C 137 4.05 -19.62 -15.11
CA ALA C 137 3.90 -21.06 -14.97
C ALA C 137 3.90 -21.74 -16.33
N SER C 138 4.43 -22.97 -16.38
CA SER C 138 4.28 -23.80 -17.57
C SER C 138 3.21 -24.88 -17.40
N VAL C 139 3.01 -25.40 -16.19
CA VAL C 139 1.95 -26.35 -15.89
C VAL C 139 0.86 -25.64 -15.09
N LEU C 140 -0.40 -25.96 -15.41
CA LEU C 140 -1.56 -25.36 -14.74
C LEU C 140 -1.52 -25.55 -13.23
N GLN C 141 -1.79 -24.48 -12.50
CA GLN C 141 -1.75 -24.43 -11.04
C GLN C 141 -3.16 -24.28 -10.47
N GLU C 142 -3.41 -24.89 -9.32
CA GLU C 142 -4.65 -24.67 -8.61
C GLU C 142 -4.38 -24.26 -7.16
N LEU C 143 -5.35 -23.56 -6.55
CA LEU C 143 -5.18 -23.03 -5.21
C LEU C 143 -6.51 -23.06 -4.45
N ASN C 144 -6.51 -23.65 -3.26
CA ASN C 144 -7.67 -23.57 -2.38
C ASN C 144 -7.80 -22.17 -1.79
N VAL C 145 -8.96 -21.55 -1.95
CA VAL C 145 -9.23 -20.22 -1.44
C VAL C 145 -10.55 -20.22 -0.69
N THR C 146 -10.78 -19.16 0.07
CA THR C 146 -11.99 -18.97 0.86
C THR C 146 -12.66 -17.67 0.43
N VAL C 147 -13.99 -17.70 0.27
CA VAL C 147 -14.70 -16.46 0.02
C VAL C 147 -14.73 -15.65 1.30
N VAL C 148 -14.36 -14.37 1.20
CA VAL C 148 -14.46 -13.43 2.30
C VAL C 148 -15.31 -12.27 1.86
N THR C 149 -16.04 -11.66 2.80
CA THR C 149 -16.80 -10.47 2.47
C THR C 149 -16.21 -9.20 3.07
N SER C 150 -15.17 -9.31 3.90
CA SER C 150 -14.50 -8.16 4.51
C SER C 150 -13.38 -7.64 3.63
N LEU C 151 -13.31 -6.30 3.49
CA LEU C 151 -12.46 -5.59 2.53
C LEU C 151 -12.87 -5.87 1.08
N CYS C 152 -14.07 -6.36 0.83
CA CYS C 152 -14.55 -6.56 -0.51
C CYS C 152 -15.63 -5.52 -0.80
N ARG C 153 -16.28 -5.63 -1.94
CA ARG C 153 -17.46 -4.85 -2.26
C ARG C 153 -18.45 -5.76 -2.97
N ARG C 154 -19.72 -5.34 -3.00
CA ARG C 154 -20.79 -6.20 -3.48
C ARG C 154 -20.65 -6.54 -4.95
N SER C 155 -19.93 -5.73 -5.70
CA SER C 155 -19.70 -5.89 -7.12
C SER C 155 -18.61 -6.90 -7.46
N ASN C 156 -18.03 -7.56 -6.46
CA ASN C 156 -16.96 -8.51 -6.68
C ASN C 156 -17.19 -9.73 -5.80
N VAL C 157 -16.56 -10.83 -6.19
CA VAL C 157 -16.34 -11.97 -5.31
C VAL C 157 -14.89 -11.90 -4.87
N CYS C 158 -14.64 -11.88 -3.56
CA CYS C 158 -13.27 -11.80 -3.06
C CYS C 158 -12.88 -13.06 -2.31
N THR C 159 -11.60 -13.39 -2.42
CA THR C 159 -11.08 -14.61 -1.81
C THR C 159 -9.77 -14.31 -1.10
N LEU C 160 -9.46 -15.13 -0.11
CA LEU C 160 -8.25 -14.96 0.68
C LEU C 160 -7.76 -16.34 1.08
N VAL C 161 -6.45 -16.54 1.01
CA VAL C 161 -5.81 -17.69 1.63
C VAL C 161 -5.33 -17.26 3.00
N ARG C 162 -5.90 -17.86 4.04
CA ARG C 162 -5.64 -17.43 5.41
C ARG C 162 -4.38 -18.11 5.94
N GLY C 163 -3.50 -17.32 6.55
CA GLY C 163 -2.30 -17.84 7.17
C GLY C 163 -1.08 -17.98 6.27
N ARG C 164 -1.22 -17.74 4.97
CA ARG C 164 -0.10 -17.81 4.05
C ARG C 164 -0.20 -16.66 3.06
N GLN C 165 0.95 -16.26 2.52
CA GLN C 165 0.96 -15.40 1.34
C GLN C 165 0.73 -16.28 0.12
N ALA C 166 -0.52 -16.31 -0.36
CA ALA C 166 -0.89 -17.07 -1.54
C ALA C 166 -2.06 -16.39 -2.22
N GLY C 167 -2.09 -16.43 -3.54
CA GLY C 167 -3.18 -15.84 -4.28
C GLY C 167 -2.93 -15.88 -5.78
N VAL C 168 -3.84 -15.26 -6.54
CA VAL C 168 -3.63 -15.17 -7.98
C VAL C 168 -2.53 -14.15 -8.27
N CYS C 169 -1.94 -14.26 -9.46
CA CYS C 169 -0.88 -13.35 -9.89
C CYS C 169 -1.07 -13.03 -11.37
N PHE C 170 -0.11 -12.28 -11.92
CA PHE C 170 -0.30 -11.74 -13.26
C PHE C 170 -0.25 -12.85 -14.30
N GLY C 171 -1.21 -12.83 -15.22
CA GLY C 171 -1.49 -13.94 -16.09
C GLY C 171 -2.66 -14.78 -15.64
N ASP C 172 -3.17 -14.54 -14.43
CA ASP C 172 -4.34 -15.25 -13.96
C ASP C 172 -5.65 -14.52 -14.25
N SER C 173 -5.59 -13.23 -14.63
CA SER C 173 -6.79 -12.55 -15.10
C SER C 173 -7.58 -13.40 -16.09
N GLY C 174 -8.91 -13.39 -15.94
CA GLY C 174 -9.76 -14.17 -16.79
C GLY C 174 -9.90 -15.61 -16.39
N SER C 175 -9.05 -16.12 -15.50
CA SER C 175 -9.17 -17.52 -15.12
C SER C 175 -10.35 -17.71 -14.17
N PRO C 176 -10.94 -18.91 -14.14
CA PRO C 176 -12.17 -19.11 -13.39
C PRO C 176 -11.94 -19.40 -11.93
N LEU C 177 -12.95 -19.04 -11.13
CA LEU C 177 -13.06 -19.46 -9.73
C LEU C 177 -14.17 -20.50 -9.64
N VAL C 178 -13.82 -21.71 -9.22
CA VAL C 178 -14.73 -22.84 -9.13
C VAL C 178 -15.17 -23.05 -7.68
N CYS C 179 -16.48 -23.05 -7.45
CA CYS C 179 -17.06 -23.30 -6.12
C CYS C 179 -18.24 -24.23 -6.30
N ASN C 180 -18.15 -25.42 -5.71
CA ASN C 180 -19.22 -26.42 -5.76
C ASN C 180 -19.54 -26.77 -7.20
N GLY C 181 -18.48 -26.88 -8.01
CA GLY C 181 -18.59 -27.31 -9.38
C GLY C 181 -19.00 -26.26 -10.37
N LEU C 182 -19.26 -25.03 -9.93
CA LEU C 182 -19.79 -23.98 -10.80
C LEU C 182 -18.77 -22.85 -10.92
N ILE C 183 -18.73 -22.20 -12.08
CA ILE C 183 -17.84 -21.06 -12.25
C ILE C 183 -18.52 -19.84 -11.64
N HIS C 184 -17.99 -19.36 -10.52
CA HIS C 184 -18.55 -18.24 -9.80
C HIS C 184 -17.73 -16.96 -9.94
N GLY C 185 -16.53 -17.04 -10.50
CA GLY C 185 -15.65 -15.89 -10.57
C GLY C 185 -14.77 -15.94 -11.81
N ILE C 186 -14.37 -14.74 -12.25
CA ILE C 186 -13.35 -14.51 -13.27
C ILE C 186 -12.28 -13.61 -12.63
N ALA C 187 -11.03 -14.08 -12.56
CA ALA C 187 -9.99 -13.30 -11.89
C ALA C 187 -9.87 -11.92 -12.52
N SER C 188 -9.87 -10.89 -11.67
CA SER C 188 -9.91 -9.51 -12.13
C SER C 188 -8.72 -8.71 -11.61
N PHE C 189 -8.59 -8.46 -10.30
CA PHE C 189 -7.48 -7.62 -9.84
C PHE C 189 -7.04 -7.97 -8.43
N VAL C 190 -5.80 -7.60 -8.12
CA VAL C 190 -5.22 -7.77 -6.78
C VAL C 190 -4.95 -6.39 -6.18
N ARG C 191 -4.65 -6.38 -4.88
CA ARG C 191 -4.33 -5.17 -4.14
C ARG C 191 -2.98 -5.33 -3.42
N GLY C 192 -2.13 -4.31 -3.56
CA GLY C 192 -0.82 -4.29 -2.94
C GLY C 192 0.16 -5.33 -3.46
N GLY C 193 -0.05 -5.85 -4.65
CA GLY C 193 0.80 -6.91 -5.15
C GLY C 193 0.17 -8.28 -4.97
N CYS C 194 0.74 -9.26 -5.68
CA CYS C 194 0.26 -10.63 -5.58
C CYS C 194 0.52 -11.17 -4.18
N ALA C 195 -0.45 -11.91 -3.64
CA ALA C 195 -0.22 -12.72 -2.44
C ALA C 195 0.28 -11.86 -1.27
N SER C 196 -0.34 -10.69 -1.09
CA SER C 196 0.04 -9.82 0.03
C SER C 196 -0.22 -10.46 1.38
N GLY C 197 -1.13 -11.43 1.44
CA GLY C 197 -1.65 -11.96 2.68
C GLY C 197 -2.58 -11.04 3.44
N LEU C 198 -2.72 -9.79 3.00
CA LEU C 198 -3.54 -8.77 3.66
C LEU C 198 -4.85 -8.53 2.93
N TYR C 199 -4.80 -8.30 1.63
CA TYR C 199 -5.99 -7.95 0.87
C TYR C 199 -6.47 -9.14 0.06
N PRO C 200 -7.79 -9.38 0.02
CA PRO C 200 -8.30 -10.50 -0.79
C PRO C 200 -8.20 -10.20 -2.27
N ASP C 201 -8.19 -11.28 -3.07
CA ASP C 201 -8.21 -11.15 -4.53
C ASP C 201 -9.63 -10.84 -4.97
N ALA C 202 -9.77 -10.13 -6.09
CA ALA C 202 -11.07 -9.73 -6.59
C ALA C 202 -11.38 -10.41 -7.92
N PHE C 203 -12.55 -11.06 -8.00
CA PHE C 203 -13.06 -11.72 -9.19
C PHE C 203 -14.35 -11.05 -9.67
N ALA C 204 -14.57 -11.02 -10.98
CA ALA C 204 -15.88 -10.60 -11.48
C ALA C 204 -16.94 -11.63 -11.05
N PRO C 205 -18.14 -11.19 -10.61
CA PRO C 205 -19.11 -12.15 -10.06
C PRO C 205 -20.00 -12.78 -11.12
N VAL C 206 -19.63 -13.99 -11.56
CA VAL C 206 -20.28 -14.60 -12.73
C VAL C 206 -21.78 -14.73 -12.51
N ALA C 207 -22.20 -15.15 -11.32
CA ALA C 207 -23.64 -15.36 -11.05
C ALA C 207 -24.47 -14.11 -11.31
N GLN C 208 -23.87 -12.91 -11.26
CA GLN C 208 -24.62 -11.69 -11.53
C GLN C 208 -24.83 -11.45 -13.03
N PHE C 209 -24.09 -12.15 -13.89
CA PHE C 209 -24.18 -11.95 -15.33
C PHE C 209 -24.76 -13.15 -16.08
N VAL C 210 -25.39 -14.09 -15.39
CA VAL C 210 -25.85 -15.32 -16.05
C VAL C 210 -26.95 -15.01 -17.08
N ASN C 211 -27.91 -14.14 -16.75
CA ASN C 211 -28.92 -13.74 -17.73
C ASN C 211 -28.27 -13.24 -19.01
N TRP C 212 -27.27 -12.35 -18.87
CA TRP C 212 -26.60 -11.78 -20.04
C TRP C 212 -25.85 -12.85 -20.81
N ILE C 213 -25.06 -13.66 -20.11
CA ILE C 213 -24.27 -14.71 -20.74
C ILE C 213 -25.17 -15.60 -21.58
N ASP C 214 -26.28 -16.09 -20.99
CA ASP C 214 -27.20 -16.96 -21.71
C ASP C 214 -27.74 -16.28 -22.96
N SER C 215 -28.05 -14.98 -22.88
CA SER C 215 -28.53 -14.28 -24.06
C SER C 215 -27.47 -14.20 -25.16
N ILE C 216 -26.18 -14.28 -24.82
CA ILE C 216 -25.15 -14.21 -25.84
C ILE C 216 -24.98 -15.57 -26.51
N ILE C 217 -24.83 -16.63 -25.73
CA ILE C 217 -24.47 -17.91 -26.30
C ILE C 217 -25.71 -18.66 -26.80
N GLN C 218 -26.89 -18.26 -26.33
CA GLN C 218 -28.21 -18.73 -26.76
C GLN C 218 -28.38 -20.17 -26.34
N SER D 2 17.71 -7.49 -29.22
CA SER D 2 16.78 -8.33 -28.46
C SER D 2 15.99 -7.51 -27.43
N THR D 3 16.29 -6.21 -27.35
CA THR D 3 15.54 -5.28 -26.52
C THR D 3 15.04 -4.13 -27.38
N ILE D 4 14.06 -3.41 -26.86
CA ILE D 4 13.49 -2.27 -27.58
C ILE D 4 13.49 -1.06 -26.66
N GLN D 5 13.33 0.12 -27.27
CA GLN D 5 13.28 1.39 -26.57
C GLN D 5 11.89 1.98 -26.78
N ILE D 6 11.19 2.27 -25.69
CA ILE D 6 9.84 2.81 -25.72
C ILE D 6 9.91 4.26 -25.23
N PRO D 7 9.44 5.23 -26.00
CA PRO D 7 9.56 6.62 -25.57
C PRO D 7 8.61 6.93 -24.43
N TYR D 8 9.04 7.77 -23.50
CA TYR D 8 8.14 8.20 -22.45
C TYR D 8 8.39 9.66 -22.13
N THR D 9 7.29 10.38 -21.90
CA THR D 9 7.34 11.78 -21.55
C THR D 9 6.84 11.94 -20.12
N ILE D 10 7.45 12.88 -19.39
CA ILE D 10 7.13 13.13 -17.99
C ILE D 10 6.55 14.54 -17.89
N THR D 11 5.32 14.64 -17.40
CA THR D 11 4.66 15.92 -17.17
C THR D 11 4.52 16.15 -15.67
N VAL D 12 5.14 17.21 -15.16
CA VAL D 12 5.06 17.56 -13.74
C VAL D 12 4.59 19.00 -13.59
N ASN D 13 5.48 19.95 -13.87
CA ASN D 13 5.11 21.34 -14.09
C ASN D 13 4.45 21.56 -15.48
N GLY D 14 3.93 20.50 -16.12
CA GLY D 14 3.62 20.55 -17.53
C GLY D 14 4.89 20.73 -18.33
N THR D 15 5.42 19.66 -18.93
CA THR D 15 6.67 19.76 -19.70
C THR D 15 6.37 20.54 -20.98
N SER D 16 6.39 21.87 -20.83
CA SER D 16 6.39 22.74 -22.01
C SER D 16 7.56 22.41 -22.92
N GLN D 17 8.69 22.06 -22.33
CA GLN D 17 9.91 21.73 -23.07
C GLN D 17 9.87 20.25 -23.43
N ASN D 18 9.98 19.98 -24.72
CA ASN D 18 9.85 18.62 -25.24
C ASN D 18 11.12 17.84 -24.91
N ILE D 19 10.98 16.83 -24.05
CA ILE D 19 12.10 16.02 -23.56
C ILE D 19 11.64 14.57 -23.66
N LEU D 20 11.88 13.95 -24.82
CA LEU D 20 11.50 12.56 -25.05
C LEU D 20 12.60 11.66 -24.52
N SER D 21 12.31 10.90 -23.47
CA SER D 21 13.24 9.92 -22.94
C SER D 21 12.82 8.52 -23.38
N SER D 22 13.54 7.50 -22.91
CA SER D 22 13.34 6.15 -23.42
C SER D 22 13.58 5.10 -22.35
N LEU D 23 12.60 4.21 -22.16
CA LEU D 23 12.72 3.03 -21.32
C LEU D 23 13.14 1.80 -22.15
N THR D 24 13.86 0.88 -21.51
CA THR D 24 14.35 -0.33 -22.18
C THR D 24 13.54 -1.54 -21.74
N PHE D 25 12.95 -2.24 -22.71
CA PHE D 25 12.18 -3.45 -22.48
C PHE D 25 12.70 -4.55 -23.39
N ASN D 26 12.46 -5.80 -22.98
CA ASN D 26 12.73 -6.93 -23.85
C ASN D 26 11.74 -6.93 -25.01
N LYS D 27 12.22 -7.25 -26.20
CA LYS D 27 11.34 -7.34 -27.36
C LYS D 27 10.41 -8.53 -27.21
N ASN D 28 9.13 -8.31 -27.51
CA ASN D 28 8.16 -9.39 -27.56
C ASN D 28 8.15 -10.16 -26.25
N GLN D 29 7.55 -9.58 -25.21
CA GLN D 29 7.56 -10.21 -23.90
C GLN D 29 6.31 -9.78 -23.16
N ASN D 30 5.63 -10.74 -22.53
CA ASN D 30 4.49 -10.42 -21.68
C ASN D 30 4.97 -9.99 -20.29
N ILE D 31 4.57 -8.81 -19.85
CA ILE D 31 4.95 -8.30 -18.54
C ILE D 31 3.73 -7.71 -17.85
N SER D 32 3.84 -7.52 -16.54
CA SER D 32 2.76 -7.02 -15.71
C SER D 32 2.78 -5.50 -15.67
N TYR D 33 1.65 -4.91 -15.27
CA TYR D 33 1.67 -3.49 -14.97
C TYR D 33 2.54 -3.18 -13.76
N LYS D 34 2.74 -4.15 -12.85
CA LYS D 34 3.69 -3.96 -11.77
C LYS D 34 5.11 -3.76 -12.30
N ASP D 35 5.53 -4.57 -13.29
CA ASP D 35 6.84 -4.35 -13.91
C ASP D 35 6.93 -2.95 -14.50
N ILE D 36 5.90 -2.53 -15.24
CA ILE D 36 5.92 -1.21 -15.86
C ILE D 36 5.95 -0.11 -14.79
N GLU D 37 5.13 -0.25 -13.75
CA GLU D 37 5.16 0.71 -12.65
C GLU D 37 6.58 0.90 -12.13
N ASN D 38 7.32 -0.21 -11.93
CA ASN D 38 8.67 -0.11 -11.36
C ASN D 38 9.59 0.70 -12.27
N LYS D 39 9.54 0.45 -13.59
CA LYS D 39 10.36 1.24 -14.51
C LYS D 39 9.94 2.70 -14.53
N VAL D 40 8.61 2.96 -14.50
CA VAL D 40 8.12 4.34 -14.47
C VAL D 40 8.65 5.09 -13.24
N LYS D 41 8.50 4.49 -12.05
CA LYS D 41 8.95 5.16 -10.82
C LYS D 41 10.46 5.37 -10.82
N SER D 42 11.19 4.43 -11.43
CA SER D 42 12.65 4.49 -11.49
C SER D 42 13.10 5.68 -12.34
N VAL D 43 12.51 5.88 -13.51
CA VAL D 43 12.96 7.01 -14.33
C VAL D 43 12.35 8.32 -13.85
N LEU D 44 11.15 8.30 -13.25
CA LEU D 44 10.67 9.49 -12.54
C LEU D 44 11.73 10.03 -11.60
N TYR D 45 12.32 9.15 -10.79
CA TYR D 45 13.32 9.57 -9.82
C TYR D 45 14.61 10.02 -10.51
N PHE D 46 15.12 9.22 -11.44
CA PHE D 46 16.40 9.58 -12.04
C PHE D 46 16.29 10.77 -12.98
N ASN D 47 15.13 10.97 -13.60
CA ASN D 47 15.04 12.05 -14.58
C ASN D 47 14.56 13.37 -13.98
N ARG D 48 13.59 13.35 -13.07
CA ARG D 48 13.13 14.61 -12.50
C ARG D 48 13.20 14.64 -10.97
N GLY D 49 13.75 13.61 -10.33
CA GLY D 49 13.93 13.63 -8.89
C GLY D 49 12.69 13.43 -8.05
N ILE D 50 11.66 12.76 -8.57
CA ILE D 50 10.44 12.48 -7.81
C ILE D 50 10.63 11.11 -7.17
N SER D 51 10.95 11.09 -5.87
CA SER D 51 11.15 9.83 -5.18
C SER D 51 9.80 9.19 -4.88
N ASP D 52 9.84 7.96 -4.36
CA ASP D 52 8.62 7.32 -3.90
C ASP D 52 7.89 8.16 -2.85
N ILE D 53 8.63 8.77 -1.91
CA ILE D 53 7.98 9.62 -0.92
C ILE D 53 7.24 10.76 -1.61
N ASP D 54 7.88 11.38 -2.59
CA ASP D 54 7.27 12.55 -3.24
C ASP D 54 6.08 12.15 -4.10
N LEU D 55 6.08 10.93 -4.65
CA LEU D 55 4.93 10.41 -5.38
C LEU D 55 3.73 10.20 -4.45
N ARG D 56 3.96 9.55 -3.30
CA ARG D 56 2.89 9.39 -2.33
C ARG D 56 2.37 10.73 -1.82
N LEU D 57 3.22 11.76 -1.79
CA LEU D 57 2.77 13.06 -1.28
C LEU D 57 2.12 13.92 -2.34
N SER D 58 2.13 13.52 -3.60
CA SER D 58 1.56 14.35 -4.66
C SER D 58 0.04 14.30 -4.64
N LYS D 59 -0.57 15.37 -5.17
CA LYS D 59 -2.03 15.46 -5.20
C LYS D 59 -2.62 14.41 -6.14
N GLN D 60 -1.96 14.17 -7.27
CA GLN D 60 -2.38 13.15 -8.23
C GLN D 60 -1.17 12.67 -9.01
N ALA D 61 -1.13 11.38 -9.28
CA ALA D 61 -0.04 10.80 -10.06
C ALA D 61 -0.59 9.64 -10.88
N GLU D 62 -0.24 9.59 -12.16
CA GLU D 62 -0.74 8.52 -13.01
C GLU D 62 0.18 8.40 -14.22
N TYR D 63 0.09 7.24 -14.87
CA TYR D 63 0.78 7.05 -16.15
C TYR D 63 -0.17 6.35 -17.12
N THR D 64 0.02 6.63 -18.40
CA THR D 64 -0.79 6.08 -19.48
C THR D 64 0.11 5.24 -20.38
N VAL D 65 -0.30 4.02 -20.65
CA VAL D 65 0.34 3.18 -21.66
C VAL D 65 -0.41 3.38 -22.98
N HIS D 66 0.29 3.88 -24.00
CA HIS D 66 -0.30 4.07 -25.33
C HIS D 66 0.11 2.90 -26.20
N PHE D 67 -0.89 2.16 -26.69
CA PHE D 67 -0.64 0.99 -27.53
C PHE D 67 -0.60 1.38 -28.99
N LYS D 68 0.04 0.54 -29.80
CA LYS D 68 0.20 0.85 -31.21
C LYS D 68 -1.14 0.88 -31.95
N ASN D 69 -2.15 0.15 -31.45
CA ASN D 69 -3.46 0.14 -32.11
C ASN D 69 -4.30 1.38 -31.81
N GLY D 70 -3.73 2.39 -31.16
CA GLY D 70 -4.44 3.62 -30.85
C GLY D 70 -5.19 3.64 -29.53
N THR D 71 -5.30 2.51 -28.83
CA THR D 71 -5.97 2.54 -27.54
C THR D 71 -4.99 2.98 -26.44
N LYS D 72 -5.51 3.21 -25.25
CA LYS D 72 -4.65 3.58 -24.14
C LYS D 72 -5.20 3.01 -22.84
N ARG D 73 -4.36 3.03 -21.81
CA ARG D 73 -4.70 2.54 -20.49
C ARG D 73 -4.09 3.49 -19.46
N VAL D 74 -4.93 4.00 -18.56
CA VAL D 74 -4.55 4.99 -17.56
C VAL D 74 -4.42 4.29 -16.21
N ILE D 75 -3.26 4.41 -15.57
CA ILE D 75 -2.97 3.70 -14.33
C ILE D 75 -2.75 4.73 -13.22
N ASP D 76 -3.49 4.57 -12.13
CA ASP D 76 -3.29 5.40 -10.94
C ASP D 76 -2.09 4.88 -10.16
N LEU D 77 -1.07 5.74 -9.98
CA LEU D 77 0.11 5.34 -9.23
C LEU D 77 -0.13 5.29 -7.72
N LYS D 78 -1.27 5.77 -7.23
CA LYS D 78 -1.54 5.82 -5.80
C LYS D 78 -2.67 4.90 -5.39
N SER D 79 -3.10 3.99 -6.26
CA SER D 79 -4.21 3.11 -5.94
C SER D 79 -3.77 1.82 -5.27
N GLY D 80 -2.60 1.28 -5.59
CA GLY D 80 -2.26 -0.06 -5.15
C GLY D 80 -3.08 -1.17 -5.77
N ILE D 81 -3.83 -0.90 -6.84
CA ILE D 81 -4.63 -1.93 -7.51
C ILE D 81 -3.94 -2.34 -8.81
N TYR D 82 -3.87 -3.64 -9.06
CA TYR D 82 -3.25 -4.19 -10.26
C TYR D 82 -4.17 -5.24 -10.84
N THR D 83 -4.63 -5.03 -12.08
CA THR D 83 -5.30 -6.10 -12.80
C THR D 83 -4.31 -7.23 -13.03
N ALA D 84 -4.79 -8.46 -12.97
CA ALA D 84 -3.91 -9.63 -12.95
C ALA D 84 -3.54 -10.13 -14.36
N ASP D 85 -3.30 -9.23 -15.31
CA ASP D 85 -3.06 -9.56 -16.72
C ASP D 85 -1.59 -9.32 -17.09
N LEU D 86 -1.25 -9.75 -18.29
CA LEU D 86 0.04 -9.44 -18.89
C LEU D 86 -0.20 -8.77 -20.23
N ILE D 87 0.63 -7.77 -20.54
CA ILE D 87 0.61 -7.17 -21.87
C ILE D 87 1.97 -7.38 -22.49
N ASN D 88 2.00 -7.34 -23.82
CA ASN D 88 3.20 -7.63 -24.59
C ASN D 88 3.95 -6.33 -24.86
N THR D 89 5.26 -6.35 -24.62
CA THR D 89 6.07 -5.15 -24.77
C THR D 89 6.07 -4.63 -26.20
N SER D 90 5.98 -5.52 -27.20
CA SER D 90 6.01 -5.10 -28.60
C SER D 90 4.75 -4.37 -29.04
N ASP D 91 3.69 -4.37 -28.23
CA ASP D 91 2.48 -3.65 -28.61
C ASP D 91 2.43 -2.23 -28.05
N ILE D 92 3.43 -1.83 -27.26
CA ILE D 92 3.43 -0.52 -26.61
C ILE D 92 4.01 0.52 -27.56
N LYS D 93 3.26 1.60 -27.79
CA LYS D 93 3.75 2.72 -28.59
C LYS D 93 4.53 3.72 -27.73
N ALA D 94 3.99 4.11 -26.57
CA ALA D 94 4.63 5.11 -25.72
C ALA D 94 4.01 5.06 -24.34
N ILE D 95 4.64 5.75 -23.39
CA ILE D 95 4.20 5.86 -22.00
C ILE D 95 4.30 7.32 -21.60
N SER D 96 3.26 7.85 -20.98
CA SER D 96 3.32 9.22 -20.49
C SER D 96 2.99 9.23 -19.01
N VAL D 97 3.70 10.06 -18.25
CA VAL D 97 3.52 10.14 -16.81
C VAL D 97 3.10 11.55 -16.45
N ASN D 98 2.18 11.67 -15.50
CA ASN D 98 1.63 12.95 -15.10
C ASN D 98 1.53 13.03 -13.58
N VAL D 99 2.30 13.93 -12.98
CA VAL D 99 2.33 14.12 -11.54
C VAL D 99 1.99 15.57 -11.24
N ASP D 100 0.93 15.79 -10.47
CA ASP D 100 0.54 17.14 -10.06
C ASP D 100 0.76 17.33 -8.57
C1 NAG E . 8.37 22.48 35.91
C2 NAG E . 8.56 22.79 37.40
C3 NAG E . 8.34 21.53 38.24
C4 NAG E . 7.03 20.86 37.88
C5 NAG E . 7.00 20.58 36.38
C6 NAG E . 5.74 19.89 35.90
C7 NAG E . 10.10 24.59 38.02
C8 NAG E . 11.54 24.98 38.22
N2 NAG E . 9.88 23.32 37.63
O3 NAG E . 8.35 21.88 39.62
O4 NAG E . 6.89 19.63 38.60
O5 NAG E . 7.10 21.83 35.69
O6 NAG E . 4.57 20.59 36.29
O7 NAG E . 9.18 25.37 38.22
C1 NAG E . 5.82 19.83 39.55
C2 NAG E . 5.28 18.48 40.03
C3 NAG E . 4.17 18.71 41.05
C4 NAG E . 4.64 19.60 42.18
C5 NAG E . 5.31 20.87 41.66
C6 NAG E . 6.01 21.65 42.74
C7 NAG E . 5.47 16.58 38.48
C8 NAG E . 4.82 15.86 37.33
N2 NAG E . 4.81 17.67 38.92
O3 NAG E . 3.76 17.45 41.58
O4 NAG E . 3.54 19.96 43.01
O5 NAG E . 6.31 20.56 40.67
O6 NAG E . 7.29 21.08 43.02
O7 NAG E . 6.52 16.20 38.98
C1 FUC E . 3.43 19.72 36.19
C2 FUC E . 2.21 20.42 36.84
C3 FUC E . 1.78 21.65 35.98
C4 FUC E . 1.58 21.25 34.46
C5 FUC E . 2.81 20.49 33.96
C6 FUC E . 2.63 19.93 32.58
O2 FUC E . 2.44 20.76 38.22
O3 FUC E . 0.59 22.28 36.49
O4 FUC E . 0.43 20.42 34.22
O5 FUC E . 3.16 19.38 34.83
C1 NAG F . 23.46 -3.61 17.17
C2 NAG F . 24.68 -4.39 16.66
C3 NAG F . 25.69 -4.62 17.79
C4 NAG F . 25.99 -3.32 18.52
C5 NAG F . 24.68 -2.64 18.93
C6 NAG F . 24.89 -1.30 19.62
C7 NAG F . 24.51 -6.01 14.81
C8 NAG F . 23.96 -7.33 14.37
N2 NAG F . 24.25 -5.65 16.08
O3 NAG F . 26.88 -5.17 17.25
O4 NAG F . 26.76 -3.57 19.70
O5 NAG F . 23.89 -2.39 17.77
O6 NAG F . 25.94 -0.56 19.01
O7 NAG F . 25.19 -5.30 14.06
C1 NAG F . 28.12 -3.12 19.53
C2 NAG F . 28.74 -2.81 20.90
C3 NAG F . 30.23 -2.51 20.77
C4 NAG F . 30.94 -3.60 19.99
C5 NAG F . 30.26 -3.83 18.66
C6 NAG F . 30.84 -4.97 17.88
C7 NAG F . 27.18 -1.86 22.55
C8 NAG F . 26.57 -0.61 23.09
N2 NAG F . 28.04 -1.70 21.55
O3 NAG F . 30.80 -2.38 22.07
O4 NAG F . 32.31 -3.26 19.79
O5 NAG F . 28.88 -4.14 18.87
O6 NAG F . 30.76 -6.19 18.61
O7 NAG F . 26.91 -2.97 23.01
C1 FUC F . 25.45 0.75 18.74
C2 FUC F . 26.64 1.69 18.74
C3 FUC F . 27.59 1.36 17.55
C4 FUC F . 26.80 1.34 16.26
C5 FUC F . 25.77 0.25 16.45
C6 FUC F . 24.94 -0.11 15.21
O2 FUC F . 27.35 1.71 19.98
O3 FUC F . 28.62 2.33 17.42
O4 FUC F . 26.15 2.61 16.09
O5 FUC F . 24.87 0.71 17.48
C1 NAG G . -9.60 -20.72 -36.84
C2 NAG G . -9.58 -21.55 -38.14
C3 NAG G . -8.38 -22.50 -38.18
C4 NAG G . -7.08 -21.78 -37.80
C5 NAG G . -7.28 -21.03 -36.49
C6 NAG G . -6.05 -20.29 -36.00
C7 NAG G . -11.80 -21.98 -39.13
C8 NAG G . -13.03 -22.84 -39.09
N2 NAG G . -10.83 -22.30 -38.26
O3 NAG G . -8.25 -23.04 -39.49
O4 NAG G . -6.03 -22.73 -37.61
O5 NAG G . -8.33 -20.07 -36.68
O6 NAG G . -5.76 -19.13 -36.77
O7 NAG G . -11.69 -21.04 -39.91
C1 NAG G . -4.94 -22.57 -38.54
C2 NAG G . -3.70 -23.32 -38.02
C3 NAG G . -2.57 -23.29 -39.06
C4 NAG G . -3.06 -23.77 -40.41
C5 NAG G . -4.29 -22.97 -40.83
C6 NAG G . -4.91 -23.46 -42.12
C7 NAG G . -3.24 -23.48 -35.61
C8 NAG G . -2.72 -22.76 -34.40
N2 NAG G . -3.25 -22.78 -36.75
O3 NAG G . -1.51 -24.12 -38.61
O4 NAG G . -2.04 -23.63 -41.38
O5 NAG G . -5.31 -23.07 -39.82
O6 NAG G . -5.74 -22.46 -42.70
O7 NAG G . -3.63 -24.64 -35.54
C1 FUC G . -4.39 -18.76 -36.49
C2 FUC G . -3.85 -18.09 -37.75
C3 FUC G . -4.63 -16.77 -38.01
C4 FUC G . -4.48 -15.84 -36.77
C5 FUC G . -4.94 -16.58 -35.50
C6 FUC G . -4.69 -15.78 -34.23
O2 FUC G . -3.93 -18.96 -38.88
O3 FUC G . -4.14 -16.08 -39.18
O4 FUC G . -3.14 -15.40 -36.59
O5 FUC G . -4.28 -17.88 -35.36
C1 NAG H . -9.10 -28.03 -1.49
C2 NAG H . -9.60 -28.85 -0.30
C3 NAG H . -10.01 -30.26 -0.73
C4 NAG H . -10.92 -30.24 -1.95
C5 NAG H . -10.34 -29.35 -3.05
C6 NAG H . -11.28 -29.18 -4.22
C7 NAG H . -8.65 -28.19 1.85
C8 NAG H . -7.53 -28.37 2.82
N2 NAG H . -8.59 -28.92 0.74
O3 NAG H . -10.67 -30.86 0.36
O4 NAG H . -11.04 -31.55 -2.49
O5 NAG H . -10.08 -28.04 -2.53
O6 NAG H . -12.38 -28.36 -3.87
O7 NAG H . -9.59 -27.42 2.07
C1 NAG H . -12.29 -32.22 -2.25
C2 NAG H . -12.48 -33.33 -3.32
C3 NAG H . -13.70 -34.21 -2.99
C4 NAG H . -13.64 -34.71 -1.55
C5 NAG H . -13.52 -33.50 -0.63
C6 NAG H . -13.46 -33.86 0.84
C7 NAG H . -11.74 -32.91 -5.63
C8 NAG H . -12.07 -32.23 -6.92
N2 NAG H . -12.63 -32.75 -4.65
O3 NAG H . -13.72 -35.33 -3.87
O4 NAG H . -14.78 -35.48 -1.23
O5 NAG H . -12.32 -32.79 -0.95
O6 NAG H . -12.16 -34.32 1.19
O7 NAG H . -10.73 -33.59 -5.50
C1 FUC H . -13.62 -28.90 -4.33
C2 FUC H . -14.76 -28.00 -3.78
C3 FUC H . -14.68 -26.60 -4.39
C4 FUC H . -14.74 -26.73 -5.91
C5 FUC H . -13.60 -27.63 -6.40
C6 FUC H . -13.66 -27.93 -7.89
O2 FUC H . -14.82 -27.92 -2.35
O3 FUC H . -15.79 -25.78 -3.95
O4 FUC H . -15.98 -27.30 -6.27
O5 FUC H . -13.61 -28.92 -5.72
#